data_6NEG
#
_entry.id   6NEG
#
_cell.length_a   65.600
_cell.length_b   84.240
_cell.length_c   67.480
_cell.angle_alpha   90.00
_cell.angle_beta   96.23
_cell.angle_gamma   90.00
#
_symmetry.space_group_name_H-M   'P 1 21 1'
#
loop_
_entity.id
_entity.type
_entity.pdbx_description
1 polymer '(S)-scoulerine 9-O-methyltransferase'
2 non-polymer S-ADENOSYL-L-HOMOCYSTEINE
3 water water
#
_entity_poly.entity_id   1
_entity_poly.type   'polypeptide(L)'
_entity_poly.pdbx_seq_one_letter_code
;MGSSHHHHHHSSGLVPRGSHMALQEGVNYLSGLGLSRLICLPMALRAAIELNVFEIIFQAGPEAQLSPAEIVAKIPTKNP
NAAIALDRILRMLGASSILSVTTMKDGRVYGLTEESRCLVADKNGVSVVPMLLFTSDKAVVESFYNIKDVVLEEGVIPFD
RTHGMDFFAYAGKEQSVNKSFNQAMGAGSTIAFDEVFKVYKGFHDLKELVDVGGGIGTSLSNIISKYPHIKGINFELPHV
IADAPNYPGVEHIAGNMFEGVPNAQNILLKWVLHDWDDERSIKILQNCWKALPEGGTVIVVEFVLPQILGNNAESFNALT
PDLLMMTLNPGGKERTTTEFDGLAKAAGFAETKFFPISQGLHVMEFHKATAGVAS
;
_entity_poly.pdbx_strand_id   A,B
#
# COMPACT_ATOMS: atom_id res chain seq x y z
N VAL A 27 0.37 24.60 6.84
CA VAL A 27 0.30 23.16 6.63
C VAL A 27 -0.60 22.83 5.44
N ASN A 28 -0.07 22.03 4.51
CA ASN A 28 -0.83 21.67 3.31
C ASN A 28 -1.69 20.44 3.60
N TYR A 29 -2.76 20.68 4.36
CA TYR A 29 -3.74 19.62 4.60
C TYR A 29 -4.39 19.15 3.30
N LEU A 30 -4.62 20.06 2.36
CA LEU A 30 -5.36 19.71 1.14
C LEU A 30 -4.65 18.61 0.36
N SER A 31 -3.36 18.78 0.11
CA SER A 31 -2.62 17.75 -0.61
C SER A 31 -2.23 16.58 0.30
N GLY A 32 -2.22 16.78 1.61
CA GLY A 32 -2.05 15.66 2.53
C GLY A 32 -3.14 14.61 2.41
N LEU A 33 -4.32 14.98 1.92
CA LEU A 33 -5.33 13.99 1.60
C LEU A 33 -4.82 13.01 0.55
N GLY A 34 -3.88 13.46 -0.28
CA GLY A 34 -3.25 12.61 -1.27
C GLY A 34 -2.40 11.49 -0.70
N LEU A 35 -2.13 11.49 0.61
CA LEU A 35 -1.44 10.36 1.22
C LEU A 35 -2.23 9.06 1.08
N SER A 36 -3.52 9.16 0.74
CA SER A 36 -4.31 7.97 0.39
C SER A 36 -3.72 7.25 -0.81
N ARG A 37 -2.88 7.91 -1.61
CA ARG A 37 -2.25 7.22 -2.73
C ARG A 37 -1.37 6.07 -2.28
N LEU A 38 -0.88 6.11 -1.04
CA LEU A 38 0.02 5.07 -0.58
C LEU A 38 -0.65 3.70 -0.59
N ILE A 39 -1.95 3.64 -0.28
CA ILE A 39 -2.63 2.35 -0.33
C ILE A 39 -3.10 2.04 -1.75
N CYS A 40 -3.43 3.05 -2.55
CA CYS A 40 -3.86 2.81 -3.92
C CYS A 40 -2.74 2.20 -4.75
N LEU A 41 -1.51 2.66 -4.53
CA LEU A 41 -0.40 2.30 -5.41
C LEU A 41 -0.13 0.79 -5.45
N PRO A 42 0.05 0.08 -4.32
CA PRO A 42 0.27 -1.37 -4.41
C PRO A 42 -0.90 -2.13 -5.00
N MET A 43 -2.12 -1.67 -4.78
CA MET A 43 -3.27 -2.38 -5.36
C MET A 43 -3.39 -2.12 -6.86
N ALA A 44 -3.01 -0.93 -7.32
CA ALA A 44 -2.89 -0.69 -8.75
C ALA A 44 -1.81 -1.58 -9.37
N LEU A 45 -0.66 -1.69 -8.68
CA LEU A 45 0.41 -2.51 -9.22
C LEU A 45 0.02 -3.98 -9.27
N ARG A 46 -0.66 -4.48 -8.23
CA ARG A 46 -1.10 -5.86 -8.23
C ARG A 46 -2.05 -6.13 -9.39
N ALA A 47 -2.97 -5.20 -9.65
CA ALA A 47 -3.88 -5.36 -10.78
C ALA A 47 -3.10 -5.44 -12.09
N ALA A 48 -2.14 -4.53 -12.27
CA ALA A 48 -1.36 -4.50 -13.51
C ALA A 48 -0.58 -5.79 -13.69
N ILE A 49 -0.03 -6.32 -12.61
CA ILE A 49 0.68 -7.60 -12.66
C ILE A 49 -0.27 -8.71 -13.09
N GLU A 50 -1.45 -8.78 -12.46
CA GLU A 50 -2.40 -9.84 -12.79
C GLU A 50 -2.95 -9.69 -14.20
N LEU A 51 -2.93 -8.49 -14.75
CA LEU A 51 -3.35 -8.26 -16.13
C LEU A 51 -2.22 -8.42 -17.13
N ASN A 52 -1.00 -8.75 -16.66
CA ASN A 52 0.15 -9.05 -17.52
C ASN A 52 0.60 -7.82 -18.32
N VAL A 53 0.43 -6.64 -17.75
CA VAL A 53 0.71 -5.40 -18.47
C VAL A 53 2.19 -5.31 -18.86
N PHE A 54 3.07 -5.75 -17.96
CA PHE A 54 4.49 -5.47 -18.15
C PHE A 54 5.09 -6.36 -19.23
N GLU A 55 4.69 -7.63 -19.27
CA GLU A 55 5.10 -8.52 -20.36
C GLU A 55 4.53 -8.06 -21.69
N ILE A 56 3.31 -7.51 -21.70
CA ILE A 56 2.72 -7.06 -22.96
C ILE A 56 3.52 -5.90 -23.53
N ILE A 57 3.89 -4.94 -22.68
CA ILE A 57 4.70 -3.82 -23.14
C ILE A 57 6.06 -4.32 -23.63
N PHE A 58 6.70 -5.21 -22.87
CA PHE A 58 8.02 -5.69 -23.25
C PHE A 58 7.97 -6.44 -24.57
N GLN A 59 6.92 -7.23 -24.78
CA GLN A 59 6.75 -7.98 -26.03
C GLN A 59 6.75 -7.07 -27.26
N ALA A 60 6.40 -5.79 -27.09
CA ALA A 60 6.38 -4.88 -28.23
C ALA A 60 7.75 -4.30 -28.55
N GLY A 61 8.70 -4.40 -27.63
CA GLY A 61 10.04 -3.90 -27.89
C GLY A 61 10.70 -3.34 -26.65
N PRO A 62 12.02 -3.13 -26.73
CA PRO A 62 12.76 -2.64 -25.54
C PRO A 62 12.25 -1.30 -25.02
N GLU A 63 12.07 -0.31 -25.88
CA GLU A 63 11.60 1.01 -25.48
C GLU A 63 10.15 1.26 -25.92
N ALA A 64 9.37 0.19 -26.08
CA ALA A 64 8.01 0.33 -26.57
C ALA A 64 7.16 1.14 -25.58
N GLN A 65 6.31 1.99 -26.14
CA GLN A 65 5.34 2.77 -25.38
C GLN A 65 3.97 2.53 -25.98
N LEU A 66 3.11 1.84 -25.24
CA LEU A 66 1.83 1.36 -25.77
C LEU A 66 0.67 2.16 -25.19
N SER A 67 -0.36 2.34 -26.01
CA SER A 67 -1.61 2.89 -25.51
C SER A 67 -2.39 1.81 -24.76
N PRO A 68 -3.28 2.22 -23.87
CA PRO A 68 -4.16 1.22 -23.23
C PRO A 68 -4.89 0.34 -24.21
N ALA A 69 -5.31 0.88 -25.37
CA ALA A 69 -6.01 0.06 -26.36
C ALA A 69 -5.08 -1.01 -26.92
N GLU A 70 -3.81 -0.68 -27.14
CA GLU A 70 -2.86 -1.67 -27.64
C GLU A 70 -2.54 -2.73 -26.60
N ILE A 71 -2.51 -2.35 -25.32
CA ILE A 71 -2.26 -3.34 -24.27
C ILE A 71 -3.46 -4.27 -24.14
N VAL A 72 -4.67 -3.71 -24.16
CA VAL A 72 -5.89 -4.50 -24.03
C VAL A 72 -6.00 -5.52 -25.16
N ALA A 73 -5.42 -5.22 -26.32
CA ALA A 73 -5.43 -6.17 -27.44
C ALA A 73 -4.78 -7.50 -27.08
N LYS A 74 -3.88 -7.52 -26.09
CA LYS A 74 -3.23 -8.74 -25.65
C LYS A 74 -3.81 -9.28 -24.36
N ILE A 75 -4.90 -8.68 -23.88
CA ILE A 75 -5.58 -9.12 -22.66
C ILE A 75 -6.83 -9.88 -23.07
N PRO A 76 -7.04 -11.09 -22.56
CA PRO A 76 -8.26 -11.83 -22.92
C PRO A 76 -9.50 -11.21 -22.30
N THR A 77 -10.09 -10.24 -23.01
CA THR A 77 -11.33 -9.62 -22.57
C THR A 77 -12.10 -9.15 -23.79
N LYS A 78 -13.42 -9.22 -23.70
CA LYS A 78 -14.30 -8.68 -24.73
C LYS A 78 -14.97 -7.39 -24.28
N ASN A 79 -14.49 -6.79 -23.20
CA ASN A 79 -15.05 -5.57 -22.62
C ASN A 79 -14.61 -4.36 -23.43
N PRO A 80 -15.53 -3.68 -24.13
CA PRO A 80 -15.13 -2.51 -24.92
C PRO A 80 -14.66 -1.35 -24.06
N ASN A 81 -14.98 -1.34 -22.76
CA ASN A 81 -14.51 -0.31 -21.84
C ASN A 81 -13.20 -0.69 -21.13
N ALA A 82 -12.53 -1.76 -21.58
CA ALA A 82 -11.34 -2.23 -20.89
C ALA A 82 -10.20 -1.22 -20.96
N ALA A 83 -10.02 -0.57 -22.12
CA ALA A 83 -8.91 0.37 -22.26
C ALA A 83 -9.09 1.60 -21.38
N ILE A 84 -10.32 2.11 -21.29
CA ILE A 84 -10.55 3.25 -20.41
C ILE A 84 -10.30 2.86 -18.96
N ALA A 85 -10.79 1.69 -18.56
CA ALA A 85 -10.55 1.21 -17.19
C ALA A 85 -9.07 0.97 -16.94
N LEU A 86 -8.38 0.35 -17.89
CA LEU A 86 -6.95 0.07 -17.70
C LEU A 86 -6.15 1.36 -17.57
N ASP A 87 -6.52 2.39 -18.34
CA ASP A 87 -5.86 3.67 -18.27
C ASP A 87 -5.91 4.27 -16.87
N ARG A 88 -7.01 4.06 -16.15
CA ARG A 88 -7.11 4.59 -14.78
C ARG A 88 -6.09 3.94 -13.85
N ILE A 89 -5.78 2.67 -14.07
CA ILE A 89 -4.75 1.99 -13.28
C ILE A 89 -3.36 2.43 -13.72
N LEU A 90 -3.12 2.39 -15.02
CA LEU A 90 -1.83 2.78 -15.57
C LEU A 90 -1.45 4.21 -15.20
N ARG A 91 -2.29 5.18 -15.41
CA ARG A 91 -1.89 6.52 -15.08
C ARG A 91 -1.41 6.68 -13.63
N MET A 92 -1.98 5.93 -12.70
CA MET A 92 -1.47 6.02 -11.34
C MET A 92 -0.06 5.42 -11.25
N LEU A 93 0.18 4.30 -11.92
CA LEU A 93 1.51 3.72 -11.94
C LEU A 93 2.51 4.64 -12.64
N GLY A 94 2.07 5.35 -13.68
CA GLY A 94 2.95 6.26 -14.36
C GLY A 94 3.29 7.49 -13.53
N ALA A 95 2.29 8.05 -12.84
CA ALA A 95 2.56 9.17 -11.95
C ALA A 95 3.51 8.79 -10.83
N SER A 96 3.54 7.52 -10.44
CA SER A 96 4.39 7.02 -9.36
C SER A 96 5.69 6.41 -9.86
N SER A 97 6.05 6.66 -11.11
CA SER A 97 7.32 6.27 -11.72
C SER A 97 7.50 4.76 -11.83
N ILE A 98 6.43 3.98 -11.69
CA ILE A 98 6.53 2.55 -11.97
C ILE A 98 6.46 2.31 -13.47
N LEU A 99 5.66 3.10 -14.18
CA LEU A 99 5.68 3.11 -15.63
C LEU A 99 5.99 4.54 -16.09
N SER A 100 6.44 4.67 -17.33
CA SER A 100 6.46 5.96 -17.99
C SER A 100 5.06 6.27 -18.49
N VAL A 101 4.62 7.52 -18.33
CA VAL A 101 3.34 7.96 -18.84
C VAL A 101 3.58 9.20 -19.69
N THR A 102 3.34 9.08 -20.99
CA THR A 102 3.53 10.15 -21.95
C THR A 102 2.19 10.51 -22.57
N THR A 103 1.83 11.78 -22.52
CA THR A 103 0.57 12.26 -23.07
C THR A 103 0.80 12.70 -24.52
N MET A 104 0.14 12.02 -25.46
CA MET A 104 0.24 12.35 -26.87
C MET A 104 -1.08 12.94 -27.35
N LYS A 105 -1.16 13.25 -28.65
CA LYS A 105 -2.39 13.83 -29.18
C LYS A 105 -3.54 12.84 -29.10
N ASP A 106 -3.25 11.55 -29.28
CA ASP A 106 -4.29 10.53 -29.28
C ASP A 106 -4.64 10.05 -27.88
N GLY A 107 -3.82 10.33 -26.89
CA GLY A 107 -4.01 9.85 -25.54
C GLY A 107 -2.68 9.49 -24.92
N ARG A 108 -2.72 8.77 -23.80
CA ARG A 108 -1.52 8.40 -23.09
C ARG A 108 -0.95 7.08 -23.60
N VAL A 109 0.37 6.96 -23.53
CA VAL A 109 1.04 5.70 -23.81
C VAL A 109 2.02 5.41 -22.67
N TYR A 110 2.28 4.12 -22.47
CA TYR A 110 2.99 3.65 -21.28
C TYR A 110 4.15 2.75 -21.69
N GLY A 111 5.30 2.96 -21.04
CA GLY A 111 6.47 2.14 -21.27
C GLY A 111 7.09 1.70 -19.96
N LEU A 112 7.99 0.73 -20.05
CA LEU A 112 8.70 0.25 -18.88
C LEU A 112 9.72 1.29 -18.41
N THR A 113 10.02 1.26 -17.11
CA THR A 113 11.07 2.08 -16.53
C THR A 113 12.10 1.17 -15.87
N GLU A 114 13.20 1.78 -15.41
CA GLU A 114 14.21 1.00 -14.71
C GLU A 114 13.60 0.26 -13.53
N GLU A 115 12.61 0.85 -12.86
CA GLU A 115 11.99 0.23 -11.69
C GLU A 115 11.05 -0.93 -12.05
N SER A 116 10.50 -0.96 -13.27
CA SER A 116 9.56 -2.01 -13.65
C SER A 116 10.17 -3.09 -14.54
N ARG A 117 11.45 -3.00 -14.89
CA ARG A 117 12.07 -4.07 -15.66
C ARG A 117 12.06 -5.38 -14.90
N CYS A 118 12.19 -5.32 -13.57
CA CYS A 118 12.18 -6.54 -12.80
C CYS A 118 10.85 -7.29 -12.86
N LEU A 119 9.77 -6.67 -13.38
CA LEU A 119 8.49 -7.35 -13.52
C LEU A 119 8.39 -8.21 -14.79
N VAL A 120 9.41 -8.19 -15.64
CA VAL A 120 9.44 -8.97 -16.87
C VAL A 120 10.32 -10.19 -16.64
N ALA A 121 9.79 -11.38 -16.93
CA ALA A 121 10.51 -12.61 -16.68
C ALA A 121 11.76 -12.70 -17.55
N ASP A 122 12.81 -13.33 -17.02
CA ASP A 122 14.04 -13.53 -17.77
C ASP A 122 13.95 -14.76 -18.67
N LYS A 123 15.10 -15.22 -19.13
CA LYS A 123 15.15 -16.33 -20.09
C LYS A 123 14.54 -17.60 -19.54
N ASN A 124 14.55 -17.80 -18.22
CA ASN A 124 14.01 -18.99 -17.60
C ASN A 124 12.60 -18.77 -17.06
N GLY A 125 11.99 -17.62 -17.37
CA GLY A 125 10.66 -17.33 -16.87
C GLY A 125 10.61 -16.87 -15.43
N VAL A 126 11.69 -16.28 -14.93
CA VAL A 126 11.78 -15.87 -13.52
C VAL A 126 11.69 -14.35 -13.44
N SER A 127 10.81 -13.87 -12.56
CA SER A 127 10.67 -12.44 -12.28
C SER A 127 10.43 -12.27 -10.78
N VAL A 128 10.31 -11.01 -10.35
CA VAL A 128 9.90 -10.74 -8.98
C VAL A 128 8.42 -10.94 -8.76
N VAL A 129 7.65 -11.16 -9.84
CA VAL A 129 6.19 -11.22 -9.71
C VAL A 129 5.72 -12.20 -8.63
N PRO A 130 6.19 -13.45 -8.58
CA PRO A 130 5.71 -14.35 -7.52
C PRO A 130 5.87 -13.78 -6.11
N MET A 131 6.97 -13.07 -5.86
CA MET A 131 7.15 -12.46 -4.54
C MET A 131 6.18 -11.32 -4.33
N LEU A 132 5.99 -10.47 -5.34
CA LEU A 132 5.12 -9.31 -5.21
C LEU A 132 3.67 -9.73 -5.00
N LEU A 133 3.25 -10.83 -5.62
CA LEU A 133 1.87 -11.29 -5.44
C LEU A 133 1.67 -11.90 -4.06
N PHE A 134 2.67 -12.58 -3.52
CA PHE A 134 2.52 -13.12 -2.16
C PHE A 134 2.45 -12.00 -1.13
N THR A 135 3.34 -11.01 -1.21
CA THR A 135 3.41 -10.03 -0.13
C THR A 135 2.21 -9.08 -0.13
N SER A 136 1.46 -8.99 -1.23
CA SER A 136 0.19 -8.27 -1.23
C SER A 136 -1.01 -9.21 -1.23
N ASP A 137 -0.79 -10.49 -0.95
CA ASP A 137 -1.87 -11.45 -0.85
C ASP A 137 -2.83 -11.06 0.28
N LYS A 138 -4.08 -11.50 0.13
CA LYS A 138 -5.11 -11.18 1.12
C LYS A 138 -4.71 -11.57 2.52
N ALA A 139 -4.13 -12.76 2.69
CA ALA A 139 -3.79 -13.23 4.03
C ALA A 139 -2.70 -12.37 4.67
N VAL A 140 -1.73 -11.92 3.86
CA VAL A 140 -0.69 -11.05 4.37
C VAL A 140 -1.25 -9.68 4.72
N VAL A 141 -2.01 -9.09 3.80
CA VAL A 141 -2.52 -7.73 3.99
C VAL A 141 -3.49 -7.68 5.15
N GLU A 142 -4.35 -8.70 5.29
CA GLU A 142 -5.25 -8.74 6.43
C GLU A 142 -4.49 -8.74 7.75
N SER A 143 -3.40 -9.45 7.84
CA SER A 143 -2.64 -9.46 9.06
C SER A 143 -1.93 -8.12 9.34
N PHE A 144 -1.67 -7.34 8.31
CA PHE A 144 -1.06 -6.04 8.42
C PHE A 144 -1.84 -5.07 9.29
N TYR A 145 -3.14 -5.25 9.36
CA TYR A 145 -3.97 -4.43 10.19
C TYR A 145 -3.71 -4.57 11.68
N ASN A 146 -2.92 -5.56 12.08
CA ASN A 146 -2.68 -5.79 13.50
C ASN A 146 -1.21 -5.63 13.89
N ILE A 147 -0.38 -5.03 13.04
CA ILE A 147 1.01 -4.85 13.44
C ILE A 147 1.12 -3.88 14.61
N LYS A 148 0.17 -2.95 14.76
CA LYS A 148 0.17 -2.09 15.94
C LYS A 148 0.06 -2.88 17.22
N ASP A 149 -0.53 -4.08 17.17
CA ASP A 149 -0.66 -4.92 18.36
C ASP A 149 0.69 -5.41 18.87
N VAL A 150 1.70 -5.51 18.00
CA VAL A 150 3.04 -5.88 18.46
C VAL A 150 3.60 -4.79 19.36
N VAL A 151 3.26 -3.54 19.07
CA VAL A 151 3.67 -2.44 19.94
C VAL A 151 2.91 -2.49 21.25
N LEU A 152 1.60 -2.70 21.17
CA LEU A 152 0.73 -2.52 22.33
C LEU A 152 0.75 -3.71 23.29
N GLU A 153 0.90 -4.92 22.76
CA GLU A 153 0.73 -6.13 23.57
C GLU A 153 2.00 -6.96 23.55
N GLU A 154 2.47 -7.26 24.74
CA GLU A 154 3.61 -8.07 24.91
C GLU A 154 3.34 -9.47 24.40
N GLY A 155 4.22 -9.97 23.57
CA GLY A 155 4.11 -11.29 23.06
C GLY A 155 3.04 -11.64 22.06
N VAL A 156 2.63 -10.68 21.24
CA VAL A 156 1.59 -10.94 20.28
C VAL A 156 1.97 -11.15 18.84
N ILE A 157 1.04 -11.91 18.27
CA ILE A 157 0.87 -12.50 16.95
C ILE A 157 0.06 -11.71 15.90
N PRO A 158 0.74 -10.95 14.93
CA PRO A 158 -0.16 -10.34 13.95
C PRO A 158 -0.84 -11.42 13.09
N PHE A 159 -0.06 -12.34 12.57
CA PHE A 159 -0.65 -13.44 11.81
C PHE A 159 -1.34 -14.44 12.74
N ASP A 160 -0.65 -14.84 13.82
CA ASP A 160 -1.21 -15.81 14.73
C ASP A 160 -2.47 -15.31 15.43
N ARG A 161 -2.65 -13.99 15.53
CA ARG A 161 -3.91 -13.44 16.00
C ARG A 161 -4.94 -13.41 14.88
N THR A 162 -4.54 -12.89 13.71
CA THR A 162 -5.44 -12.77 12.58
C THR A 162 -6.01 -14.12 12.13
N HIS A 163 -5.28 -15.22 12.36
CA HIS A 163 -5.61 -16.49 11.73
C HIS A 163 -5.70 -17.70 12.66
N GLY A 164 -5.27 -17.60 13.91
CA GLY A 164 -5.45 -18.69 14.86
C GLY A 164 -4.32 -19.70 14.92
N MET A 165 -3.33 -19.62 14.04
CA MET A 165 -2.15 -20.48 14.08
C MET A 165 -1.00 -19.73 13.43
N ASP A 166 0.20 -20.28 13.55
CA ASP A 166 1.36 -19.62 12.97
C ASP A 166 1.35 -19.76 11.45
N PHE A 167 2.22 -18.99 10.80
CA PHE A 167 2.17 -18.87 9.34
C PHE A 167 2.46 -20.20 8.66
N PHE A 168 3.47 -20.93 9.14
CA PHE A 168 3.87 -22.16 8.44
C PHE A 168 2.81 -23.24 8.60
N ALA A 169 2.18 -23.33 9.77
CA ALA A 169 1.04 -24.23 9.92
C ALA A 169 -0.11 -23.81 9.02
N TYR A 170 -0.34 -22.51 8.88
CA TYR A 170 -1.39 -22.01 8.00
C TYR A 170 -1.10 -22.36 6.55
N ALA A 171 0.17 -22.34 6.15
CA ALA A 171 0.54 -22.78 4.81
C ALA A 171 0.23 -24.26 4.64
N GLY A 172 0.36 -25.02 5.70
CA GLY A 172 0.08 -26.43 5.65
C GLY A 172 -1.41 -26.72 5.45
N LYS A 173 -2.21 -25.80 5.93
CA LYS A 173 -3.63 -25.88 5.85
C LYS A 173 -4.28 -25.22 4.63
N GLU A 174 -3.72 -24.18 4.06
CA GLU A 174 -4.30 -23.52 2.92
C GLU A 174 -3.39 -23.70 1.76
N GLN A 175 -3.75 -24.56 0.83
CA GLN A 175 -2.85 -24.91 -0.28
C GLN A 175 -2.53 -23.72 -1.17
N SER A 176 -3.48 -22.79 -1.35
CA SER A 176 -3.19 -21.63 -2.19
C SER A 176 -2.11 -20.74 -1.57
N VAL A 177 -2.07 -20.66 -0.23
CA VAL A 177 -1.03 -19.88 0.44
C VAL A 177 0.30 -20.63 0.40
N ASN A 178 0.28 -21.93 0.67
CA ASN A 178 1.47 -22.77 0.50
C ASN A 178 2.10 -22.53 -0.87
N LYS A 179 1.29 -22.59 -1.92
CA LYS A 179 1.81 -22.47 -3.28
C LYS A 179 2.29 -21.06 -3.58
N SER A 180 1.55 -20.03 -3.15
CA SER A 180 1.97 -18.66 -3.40
C SER A 180 3.28 -18.35 -2.68
N PHE A 181 3.40 -18.79 -1.43
CA PHE A 181 4.62 -18.55 -0.66
C PHE A 181 5.80 -19.32 -1.25
N ASN A 182 5.58 -20.60 -1.56
CA ASN A 182 6.67 -21.43 -2.08
C ASN A 182 7.19 -20.87 -3.40
N GLN A 183 6.29 -20.40 -4.26
CA GLN A 183 6.72 -19.83 -5.54
C GLN A 183 7.41 -18.49 -5.34
N ALA A 184 6.96 -17.71 -4.36
CA ALA A 184 7.63 -16.45 -4.06
C ALA A 184 9.07 -16.71 -3.63
N MET A 185 9.26 -17.64 -2.69
CA MET A 185 10.60 -17.95 -2.20
C MET A 185 11.45 -18.57 -3.30
N GLY A 186 10.86 -19.43 -4.13
CA GLY A 186 11.59 -20.02 -5.23
C GLY A 186 12.09 -19.00 -6.23
N ALA A 187 11.24 -18.05 -6.61
CA ALA A 187 11.68 -16.99 -7.51
C ALA A 187 12.74 -16.12 -6.84
N GLY A 188 12.55 -15.79 -5.56
CA GLY A 188 13.56 -15.02 -4.85
C GLY A 188 14.88 -15.76 -4.76
N SER A 189 14.84 -17.10 -4.71
CA SER A 189 16.07 -17.90 -4.63
C SER A 189 16.89 -17.81 -5.90
N THR A 190 16.25 -18.01 -7.06
CA THR A 190 16.95 -17.85 -8.32
C THR A 190 17.53 -16.45 -8.44
N ILE A 191 16.72 -15.43 -8.12
CA ILE A 191 17.19 -14.04 -8.18
C ILE A 191 18.39 -13.86 -7.26
N ALA A 192 18.30 -14.36 -6.03
CA ALA A 192 19.38 -14.16 -5.07
C ALA A 192 20.66 -14.86 -5.51
N PHE A 193 20.56 -16.11 -5.93
CA PHE A 193 21.79 -16.83 -6.27
C PHE A 193 22.38 -16.35 -7.59
N ASP A 194 21.57 -15.80 -8.50
CA ASP A 194 22.14 -15.17 -9.68
C ASP A 194 23.11 -14.06 -9.29
N GLU A 195 22.79 -13.34 -8.21
CA GLU A 195 23.71 -12.31 -7.72
C GLU A 195 24.84 -12.91 -6.89
N VAL A 196 24.53 -13.93 -6.08
CA VAL A 196 25.55 -14.55 -5.23
C VAL A 196 26.71 -15.06 -6.07
N PHE A 197 26.41 -15.76 -7.17
CA PHE A 197 27.46 -16.42 -7.95
C PHE A 197 28.37 -15.44 -8.69
N LYS A 198 28.01 -14.15 -8.74
CA LYS A 198 28.92 -13.16 -9.32
C LYS A 198 30.07 -12.81 -8.37
N VAL A 199 29.96 -13.15 -7.09
CA VAL A 199 30.86 -12.62 -6.08
C VAL A 199 31.44 -13.74 -5.23
N TYR A 200 30.60 -14.69 -4.84
CA TYR A 200 30.93 -15.67 -3.82
C TYR A 200 31.39 -16.98 -4.45
N LYS A 201 32.58 -17.44 -4.08
CA LYS A 201 33.17 -18.66 -4.62
C LYS A 201 33.20 -19.81 -3.63
N GLY A 202 32.59 -19.65 -2.46
CA GLY A 202 32.70 -20.62 -1.39
C GLY A 202 32.07 -21.98 -1.65
N PHE A 203 31.20 -22.09 -2.67
CA PHE A 203 30.60 -23.38 -3.00
C PHE A 203 31.54 -24.26 -3.84
N HIS A 204 32.70 -23.73 -4.24
CA HIS A 204 33.53 -24.38 -5.26
C HIS A 204 33.94 -25.79 -4.85
N ASP A 205 34.52 -25.94 -3.67
CA ASP A 205 35.14 -27.19 -3.27
C ASP A 205 34.23 -28.08 -2.43
N LEU A 206 32.95 -27.72 -2.30
CA LEU A 206 32.01 -28.51 -1.50
C LEU A 206 31.55 -29.74 -2.27
N LYS A 207 31.31 -30.82 -1.52
CA LYS A 207 30.75 -32.04 -2.08
C LYS A 207 29.33 -32.32 -1.64
N GLU A 208 28.88 -31.76 -0.52
CA GLU A 208 27.56 -32.04 0.01
C GLU A 208 27.03 -30.81 0.71
N LEU A 209 25.74 -30.52 0.50
CA LEU A 209 25.11 -29.35 1.09
C LEU A 209 23.70 -29.71 1.51
N VAL A 210 23.40 -29.57 2.80
CA VAL A 210 22.07 -29.81 3.32
C VAL A 210 21.39 -28.45 3.54
N ASP A 211 20.32 -28.19 2.80
CA ASP A 211 19.60 -26.93 2.89
C ASP A 211 18.50 -27.05 3.95
N VAL A 212 18.72 -26.42 5.10
CA VAL A 212 17.78 -26.48 6.21
C VAL A 212 16.68 -25.44 5.98
N GLY A 213 15.44 -25.90 5.83
CA GLY A 213 14.35 -25.04 5.40
C GLY A 213 14.54 -24.55 3.99
N GLY A 214 14.93 -25.44 3.07
CA GLY A 214 15.31 -25.01 1.74
C GLY A 214 14.17 -24.75 0.77
N GLY A 215 12.95 -24.60 1.27
CA GLY A 215 11.84 -24.36 0.36
C GLY A 215 11.57 -25.57 -0.51
N ILE A 216 11.21 -25.32 -1.77
CA ILE A 216 10.89 -26.40 -2.70
C ILE A 216 12.16 -26.89 -3.40
N GLY A 217 13.31 -26.43 -2.93
CA GLY A 217 14.58 -26.94 -3.43
C GLY A 217 15.22 -26.12 -4.53
N THR A 218 14.65 -24.96 -4.88
CA THR A 218 15.18 -24.15 -5.97
C THR A 218 16.59 -23.66 -5.68
N SER A 219 16.85 -23.29 -4.43
CA SER A 219 18.20 -22.84 -4.06
C SER A 219 19.23 -23.91 -4.38
N LEU A 220 19.01 -25.15 -3.92
CA LEU A 220 19.98 -26.22 -4.17
C LEU A 220 20.12 -26.48 -5.66
N SER A 221 19.02 -26.41 -6.40
CA SER A 221 19.07 -26.61 -7.84
C SER A 221 19.95 -25.55 -8.51
N ASN A 222 19.85 -24.29 -8.07
CA ASN A 222 20.71 -23.23 -8.59
C ASN A 222 22.17 -23.51 -8.28
N ILE A 223 22.46 -23.95 -7.05
CA ILE A 223 23.83 -24.23 -6.65
C ILE A 223 24.38 -25.43 -7.43
N ILE A 224 23.62 -26.53 -7.46
CA ILE A 224 24.10 -27.75 -8.10
C ILE A 224 24.30 -27.53 -9.61
N SER A 225 23.45 -26.73 -10.25
CA SER A 225 23.60 -26.51 -11.68
C SER A 225 24.89 -25.75 -11.99
N LYS A 226 25.34 -24.89 -11.08
CA LYS A 226 26.63 -24.23 -11.21
C LYS A 226 27.79 -25.09 -10.72
N TYR A 227 27.53 -26.00 -9.77
CA TYR A 227 28.55 -26.88 -9.21
C TYR A 227 28.02 -28.31 -9.22
N PRO A 228 28.12 -28.99 -10.37
CA PRO A 228 27.47 -30.30 -10.51
C PRO A 228 27.98 -31.39 -9.57
N HIS A 229 29.11 -31.20 -8.89
CA HIS A 229 29.62 -32.21 -7.98
C HIS A 229 28.95 -32.18 -6.61
N ILE A 230 28.10 -31.20 -6.34
CA ILE A 230 27.50 -31.05 -5.02
C ILE A 230 26.26 -31.95 -4.93
N LYS A 231 26.23 -32.80 -3.91
CA LYS A 231 25.05 -33.59 -3.58
C LYS A 231 24.18 -32.79 -2.61
N GLY A 232 22.92 -32.55 -2.99
CA GLY A 232 22.05 -31.68 -2.21
C GLY A 232 21.02 -32.47 -1.44
N ILE A 233 20.77 -32.02 -0.21
CA ILE A 233 19.68 -32.54 0.61
C ILE A 233 18.80 -31.36 1.01
N ASN A 234 17.54 -31.39 0.58
CA ASN A 234 16.58 -30.35 0.93
C ASN A 234 15.77 -30.80 2.13
N PHE A 235 15.92 -30.08 3.25
CA PHE A 235 15.31 -30.46 4.52
C PHE A 235 14.18 -29.46 4.83
N GLU A 236 12.94 -29.94 4.77
CA GLU A 236 11.78 -29.04 4.84
C GLU A 236 10.61 -29.72 5.52
N LEU A 237 9.56 -28.91 5.76
CA LEU A 237 8.32 -29.42 6.30
C LEU A 237 7.60 -30.27 5.26
N PRO A 238 6.80 -31.25 5.69
CA PRO A 238 6.09 -32.11 4.73
C PRO A 238 5.27 -31.38 3.67
N HIS A 239 4.48 -30.37 4.07
CA HIS A 239 3.62 -29.72 3.10
C HIS A 239 4.42 -28.90 2.08
N VAL A 240 5.65 -28.53 2.39
CA VAL A 240 6.51 -27.88 1.40
C VAL A 240 7.09 -28.91 0.43
N ILE A 241 7.55 -30.05 0.96
CA ILE A 241 8.08 -31.11 0.11
C ILE A 241 7.03 -31.59 -0.89
N ALA A 242 5.79 -31.77 -0.42
CA ALA A 242 4.73 -32.25 -1.31
C ALA A 242 4.52 -31.31 -2.49
N ASP A 243 4.81 -30.02 -2.30
CA ASP A 243 4.67 -29.00 -3.32
C ASP A 243 5.92 -28.86 -4.19
N ALA A 244 6.95 -29.69 -3.95
CA ALA A 244 8.23 -29.40 -4.60
C ALA A 244 8.42 -30.25 -5.84
N PRO A 245 9.07 -29.71 -6.87
CA PRO A 245 9.43 -30.53 -8.03
C PRO A 245 10.64 -31.39 -7.73
N ASN A 246 10.95 -32.28 -8.67
CA ASN A 246 12.13 -33.12 -8.58
C ASN A 246 13.28 -32.44 -9.30
N TYR A 247 14.28 -32.04 -8.55
CA TYR A 247 15.48 -31.41 -9.05
C TYR A 247 16.62 -32.42 -9.10
N PRO A 248 17.36 -32.49 -10.20
CA PRO A 248 18.51 -33.41 -10.24
C PRO A 248 19.52 -33.06 -9.16
N GLY A 249 20.05 -34.09 -8.50
CA GLY A 249 21.01 -33.90 -7.44
C GLY A 249 20.44 -33.46 -6.11
N VAL A 250 19.12 -33.32 -6.00
CA VAL A 250 18.48 -32.85 -4.78
C VAL A 250 17.60 -33.96 -4.22
N GLU A 251 17.90 -34.39 -2.99
CA GLU A 251 17.06 -35.34 -2.26
C GLU A 251 16.26 -34.59 -1.21
N HIS A 252 14.94 -34.77 -1.22
CA HIS A 252 14.06 -34.11 -0.25
C HIS A 252 13.89 -34.97 1.00
N ILE A 253 14.06 -34.36 2.17
CA ILE A 253 13.86 -35.04 3.45
C ILE A 253 12.95 -34.17 4.31
N ALA A 254 11.83 -34.74 4.75
CA ALA A 254 10.90 -34.01 5.60
C ALA A 254 11.32 -34.11 7.06
N GLY A 255 11.04 -33.04 7.81
CA GLY A 255 11.40 -33.05 9.22
C GLY A 255 11.11 -31.70 9.86
N ASN A 256 11.56 -31.57 11.11
CA ASN A 256 11.38 -30.37 11.92
C ASN A 256 12.76 -29.95 12.40
N MET A 257 13.26 -28.82 11.90
CA MET A 257 14.63 -28.41 12.19
C MET A 257 14.85 -28.10 13.66
N PHE A 258 13.79 -27.80 14.42
CA PHE A 258 13.97 -27.55 15.84
C PHE A 258 14.22 -28.82 16.63
N GLU A 259 13.79 -29.97 16.13
CA GLU A 259 14.13 -31.23 16.78
C GLU A 259 15.52 -31.69 16.40
N GLY A 260 15.91 -31.49 15.14
CA GLY A 260 17.23 -31.85 14.68
C GLY A 260 17.40 -31.66 13.19
N VAL A 261 18.65 -31.66 12.75
CA VAL A 261 18.98 -31.51 11.33
C VAL A 261 19.73 -32.76 10.89
N PRO A 262 19.49 -33.28 9.68
CA PRO A 262 20.24 -34.46 9.24
C PRO A 262 21.74 -34.18 9.18
N ASN A 263 22.52 -35.22 9.42
CA ASN A 263 23.98 -35.10 9.38
C ASN A 263 24.41 -34.52 8.05
N ALA A 264 25.37 -33.61 8.10
CA ALA A 264 25.69 -32.77 6.96
C ALA A 264 27.16 -32.39 6.99
N GLN A 265 27.81 -32.43 5.83
CA GLN A 265 29.15 -31.87 5.71
C GLN A 265 29.11 -30.35 5.73
N ASN A 266 28.09 -29.76 5.11
CA ASN A 266 27.86 -28.32 5.15
C ASN A 266 26.36 -28.09 5.13
N ILE A 267 25.94 -26.92 5.59
CA ILE A 267 24.53 -26.59 5.72
C ILE A 267 24.27 -25.23 5.08
N LEU A 268 23.15 -25.10 4.38
CA LEU A 268 22.70 -23.83 3.86
C LEU A 268 21.49 -23.34 4.66
N LEU A 269 21.50 -22.06 5.00
CA LEU A 269 20.45 -21.41 5.79
C LEU A 269 20.16 -20.07 5.11
N LYS A 270 19.17 -20.05 4.21
CA LYS A 270 18.83 -18.86 3.45
C LYS A 270 17.42 -18.40 3.79
N TRP A 271 17.29 -17.15 4.23
CA TRP A 271 16.00 -16.57 4.60
C TRP A 271 15.23 -17.44 5.59
N VAL A 272 15.96 -18.07 6.50
CA VAL A 272 15.39 -18.86 7.58
C VAL A 272 15.60 -18.16 8.92
N LEU A 273 16.84 -17.79 9.24
CA LEU A 273 17.11 -17.13 10.51
C LEU A 273 16.28 -15.87 10.69
N HIS A 274 15.99 -15.13 9.61
CA HIS A 274 15.25 -13.89 9.78
C HIS A 274 13.78 -14.12 10.12
N ASP A 275 13.31 -15.37 10.07
CA ASP A 275 11.96 -15.73 10.50
C ASP A 275 11.81 -15.82 12.02
N TRP A 276 12.89 -15.91 12.77
CA TRP A 276 12.85 -16.37 14.15
C TRP A 276 13.57 -15.41 15.09
N ASP A 277 13.13 -15.39 16.35
CA ASP A 277 13.81 -14.55 17.33
C ASP A 277 15.16 -15.15 17.67
N ASP A 278 15.94 -14.41 18.48
CA ASP A 278 17.29 -14.86 18.83
C ASP A 278 17.28 -16.25 19.46
N GLU A 279 16.36 -16.50 20.39
CA GLU A 279 16.34 -17.78 21.09
C GLU A 279 16.16 -18.94 20.11
N ARG A 280 15.19 -18.82 19.19
CA ARG A 280 14.93 -19.90 18.26
C ARG A 280 15.97 -19.96 17.14
N SER A 281 16.52 -18.81 16.74
CA SER A 281 17.64 -18.81 15.79
C SER A 281 18.85 -19.54 16.36
N ILE A 282 19.15 -19.33 17.64
CA ILE A 282 20.25 -20.04 18.27
C ILE A 282 19.99 -21.55 18.31
N LYS A 283 18.74 -21.93 18.62
CA LYS A 283 18.38 -23.34 18.63
C LYS A 283 18.61 -23.98 17.27
N ILE A 284 18.16 -23.33 16.20
CA ILE A 284 18.42 -23.81 14.84
C ILE A 284 19.92 -23.98 14.62
N LEU A 285 20.68 -22.94 14.94
CA LEU A 285 22.13 -22.99 14.68
C LEU A 285 22.82 -24.04 15.54
N GLN A 286 22.33 -24.28 16.76
CA GLN A 286 22.92 -25.32 17.60
C GLN A 286 22.65 -26.71 17.02
N ASN A 287 21.44 -26.94 16.51
CA ASN A 287 21.15 -28.19 15.82
C ASN A 287 22.03 -28.35 14.59
N CYS A 288 22.27 -27.25 13.87
CA CYS A 288 23.20 -27.31 12.74
C CYS A 288 24.60 -27.70 13.21
N TRP A 289 25.06 -27.08 14.29
CA TRP A 289 26.38 -27.42 14.85
C TRP A 289 26.48 -28.90 15.19
N LYS A 290 25.42 -29.45 15.81
CA LYS A 290 25.46 -30.86 16.21
C LYS A 290 25.49 -31.79 15.00
N ALA A 291 24.94 -31.35 13.87
CA ALA A 291 24.88 -32.18 12.68
C ALA A 291 26.13 -32.11 11.83
N LEU A 292 27.04 -31.17 12.12
CA LEU A 292 28.23 -30.94 11.32
C LEU A 292 29.44 -31.63 11.93
N PRO A 293 30.36 -32.12 11.11
CA PRO A 293 31.66 -32.58 11.61
C PRO A 293 32.55 -31.38 11.85
N GLU A 294 33.73 -31.64 12.40
CA GLU A 294 34.69 -30.55 12.56
C GLU A 294 35.09 -30.04 11.18
N GLY A 295 35.18 -28.71 11.06
CA GLY A 295 35.48 -28.08 9.79
C GLY A 295 34.30 -27.81 8.90
N GLY A 296 33.12 -28.36 9.23
CA GLY A 296 31.92 -28.06 8.46
C GLY A 296 31.48 -26.61 8.62
N THR A 297 30.65 -26.17 7.69
CA THR A 297 30.27 -24.76 7.62
C THR A 297 28.75 -24.63 7.48
N VAL A 298 28.18 -23.67 8.20
CA VAL A 298 26.85 -23.15 7.89
C VAL A 298 27.04 -21.95 6.97
N ILE A 299 26.39 -21.97 5.82
CA ILE A 299 26.43 -20.87 4.87
C ILE A 299 25.08 -20.15 5.00
N VAL A 300 25.11 -18.92 5.50
CA VAL A 300 23.90 -18.15 5.76
C VAL A 300 23.76 -17.12 4.66
N VAL A 301 22.55 -17.01 4.09
CA VAL A 301 22.24 -16.02 3.05
C VAL A 301 21.06 -15.19 3.55
N GLU A 302 21.30 -13.91 3.80
CA GLU A 302 20.28 -12.99 4.29
C GLU A 302 20.62 -11.59 3.82
N PHE A 303 19.59 -10.75 3.74
CA PHE A 303 19.85 -9.31 3.74
C PHE A 303 20.35 -8.90 5.13
N VAL A 304 21.22 -7.91 5.15
CA VAL A 304 21.79 -7.41 6.40
C VAL A 304 21.30 -5.98 6.62
N LEU A 305 20.77 -5.74 7.81
CA LEU A 305 20.29 -4.42 8.19
C LEU A 305 21.48 -3.49 8.36
N PRO A 306 21.56 -2.39 7.61
CA PRO A 306 22.66 -1.45 7.82
C PRO A 306 22.45 -0.64 9.09
N GLN A 307 23.56 -0.19 9.67
CA GLN A 307 23.49 0.56 10.91
C GLN A 307 22.83 1.93 10.69
N ILE A 308 23.12 2.58 9.57
CA ILE A 308 22.55 3.89 9.26
C ILE A 308 21.65 3.72 8.04
N LEU A 309 20.36 4.03 8.24
CA LEU A 309 19.33 3.80 7.23
C LEU A 309 19.02 5.08 6.47
N GLY A 310 18.48 4.90 5.26
CA GLY A 310 18.10 6.02 4.43
C GLY A 310 17.17 5.57 3.33
N ASN A 311 16.91 6.49 2.39
CA ASN A 311 16.09 6.20 1.22
C ASN A 311 16.98 5.59 0.15
N ASN A 312 17.26 4.30 0.29
CA ASN A 312 18.14 3.61 -0.63
C ASN A 312 17.79 2.12 -0.66
N ALA A 313 18.31 1.44 -1.67
CA ALA A 313 17.98 0.04 -1.88
C ALA A 313 18.42 -0.83 -0.70
N GLU A 314 19.66 -0.64 -0.24
CA GLU A 314 20.18 -1.47 0.83
C GLU A 314 19.33 -1.37 2.10
N SER A 315 18.76 -0.19 2.38
CA SER A 315 17.90 -0.06 3.55
C SER A 315 16.55 -0.70 3.29
N PHE A 316 15.93 -0.39 2.14
CA PHE A 316 14.63 -0.96 1.84
C PHE A 316 14.71 -2.47 1.68
N ASN A 317 15.85 -2.97 1.18
CA ASN A 317 16.00 -4.41 1.01
C ASN A 317 15.94 -5.15 2.34
N ALA A 318 16.25 -4.47 3.44
CA ALA A 318 16.15 -5.06 4.77
C ALA A 318 14.87 -4.64 5.48
N LEU A 319 14.47 -3.37 5.38
CA LEU A 319 13.29 -2.90 6.09
C LEU A 319 12.03 -3.57 5.58
N THR A 320 11.96 -3.84 4.26
CA THR A 320 10.76 -4.44 3.70
C THR A 320 10.50 -5.84 4.23
N PRO A 321 11.46 -6.79 4.18
CA PRO A 321 11.20 -8.09 4.82
C PRO A 321 11.04 -7.97 6.33
N ASP A 322 11.69 -6.97 6.95
CA ASP A 322 11.52 -6.80 8.40
C ASP A 322 10.08 -6.52 8.76
N LEU A 323 9.42 -5.64 8.01
CA LEU A 323 8.02 -5.34 8.28
C LEU A 323 7.13 -6.52 7.96
N LEU A 324 7.43 -7.25 6.88
CA LEU A 324 6.67 -8.45 6.58
C LEU A 324 6.79 -9.47 7.70
N MET A 325 8.02 -9.65 8.22
CA MET A 325 8.22 -10.56 9.34
C MET A 325 7.47 -10.10 10.57
N MET A 326 7.43 -8.79 10.80
CA MET A 326 6.68 -8.25 11.94
C MET A 326 5.23 -8.70 11.91
N THR A 327 4.67 -8.84 10.72
CA THR A 327 3.27 -9.21 10.58
C THR A 327 3.05 -10.70 10.47
N LEU A 328 3.94 -11.40 9.81
CA LEU A 328 3.83 -12.81 9.58
C LEU A 328 4.36 -13.75 10.68
N ASN A 329 5.36 -13.34 11.39
CA ASN A 329 5.93 -14.12 12.47
C ASN A 329 6.76 -13.16 13.27
N PRO A 330 6.06 -12.25 14.03
CA PRO A 330 6.81 -11.13 14.65
C PRO A 330 8.13 -11.31 15.34
N GLY A 331 8.36 -12.48 15.91
CA GLY A 331 9.63 -12.91 16.47
C GLY A 331 10.75 -12.74 15.47
N GLY A 332 10.45 -12.97 14.20
CA GLY A 332 11.42 -12.77 13.15
C GLY A 332 11.77 -11.30 12.97
N LYS A 333 13.01 -11.07 12.54
CA LYS A 333 13.54 -9.73 12.40
C LYS A 333 14.78 -9.79 11.52
N GLU A 334 15.05 -8.69 10.81
CA GLU A 334 16.30 -8.57 10.10
C GLU A 334 17.40 -8.10 11.05
N ARG A 335 18.65 -8.44 10.70
CA ARG A 335 19.75 -8.29 11.66
C ARG A 335 20.95 -7.60 11.03
N THR A 336 21.74 -6.96 11.89
CA THR A 336 23.02 -6.38 11.53
C THR A 336 24.09 -7.46 11.47
N THR A 337 25.25 -7.12 10.90
CA THR A 337 26.36 -8.08 10.89
C THR A 337 26.76 -8.44 12.32
N THR A 338 26.74 -7.47 13.23
CA THR A 338 27.12 -7.74 14.62
C THR A 338 26.16 -8.74 15.25
N GLU A 339 24.87 -8.62 14.94
CA GLU A 339 23.89 -9.55 15.49
C GLU A 339 24.06 -10.95 14.91
N PHE A 340 24.36 -11.06 13.61
CA PHE A 340 24.59 -12.40 13.05
C PHE A 340 25.81 -13.05 13.69
N ASP A 341 26.88 -12.29 13.88
CA ASP A 341 28.07 -12.83 14.54
C ASP A 341 27.74 -13.30 15.95
N GLY A 342 26.92 -12.54 16.68
CA GLY A 342 26.52 -12.95 18.01
C GLY A 342 25.74 -14.25 18.02
N LEU A 343 24.82 -14.43 17.06
CA LEU A 343 24.10 -15.70 16.96
C LEU A 343 25.07 -16.86 16.75
N ALA A 344 25.99 -16.70 15.78
CA ALA A 344 26.93 -17.77 15.48
C ALA A 344 27.75 -18.15 16.72
N LYS A 345 28.26 -17.14 17.44
CA LYS A 345 29.09 -17.41 18.61
C LYS A 345 28.29 -18.06 19.73
N ALA A 346 27.04 -17.62 19.93
CA ALA A 346 26.21 -18.20 20.98
C ALA A 346 25.83 -19.65 20.67
N ALA A 347 25.97 -20.08 19.41
CA ALA A 347 25.57 -21.42 19.00
C ALA A 347 26.75 -22.37 18.86
N GLY A 348 27.97 -21.91 19.14
CA GLY A 348 29.13 -22.77 19.13
C GLY A 348 30.07 -22.57 17.95
N PHE A 349 29.77 -21.68 17.02
CA PHE A 349 30.67 -21.34 15.92
C PHE A 349 31.57 -20.20 16.36
N ALA A 350 32.87 -20.43 16.41
CA ALA A 350 33.81 -19.43 16.87
C ALA A 350 34.46 -18.64 15.72
N GLU A 351 34.19 -18.99 14.47
CA GLU A 351 34.76 -18.31 13.32
C GLU A 351 33.65 -17.91 12.35
N THR A 352 33.58 -16.63 12.04
CA THR A 352 32.58 -16.09 11.12
C THR A 352 33.28 -15.34 10.00
N LYS A 353 32.72 -15.44 8.80
CA LYS A 353 33.21 -14.70 7.64
C LYS A 353 32.03 -14.07 6.93
N PHE A 354 32.18 -12.80 6.52
CA PHE A 354 31.12 -12.03 5.90
C PHE A 354 31.48 -11.71 4.46
N PHE A 355 30.54 -11.98 3.55
CA PHE A 355 30.77 -11.75 2.13
C PHE A 355 29.65 -10.86 1.61
N PRO A 356 29.84 -9.55 1.55
CA PRO A 356 28.82 -8.70 0.92
C PRO A 356 28.67 -9.09 -0.55
N ILE A 357 27.41 -9.23 -0.97
CA ILE A 357 27.11 -9.62 -2.34
C ILE A 357 26.68 -8.40 -3.15
N SER A 358 25.48 -7.89 -2.89
CA SER A 358 25.00 -6.69 -3.56
C SER A 358 23.84 -6.08 -2.79
N GLN A 359 23.93 -4.78 -2.52
CA GLN A 359 22.83 -3.98 -1.98
C GLN A 359 22.23 -4.59 -0.72
N GLY A 360 23.10 -5.03 0.19
CA GLY A 360 22.69 -5.54 1.47
C GLY A 360 22.63 -7.05 1.58
N LEU A 361 22.44 -7.75 0.48
CA LEU A 361 22.49 -9.21 0.50
C LEU A 361 23.90 -9.66 0.86
N HIS A 362 24.01 -10.54 1.86
CA HIS A 362 25.29 -11.11 2.26
C HIS A 362 25.23 -12.63 2.22
N VAL A 363 26.39 -13.23 1.93
CA VAL A 363 26.66 -14.61 2.29
C VAL A 363 27.54 -14.57 3.53
N MET A 364 27.20 -15.39 4.53
CA MET A 364 27.98 -15.47 5.76
C MET A 364 28.32 -16.93 6.04
N GLU A 365 29.56 -17.18 6.44
CA GLU A 365 30.03 -18.52 6.77
C GLU A 365 30.25 -18.61 8.27
N PHE A 366 29.54 -19.53 8.92
CA PHE A 366 29.78 -19.89 10.32
C PHE A 366 30.57 -21.20 10.30
N HIS A 367 31.83 -21.16 10.74
CA HIS A 367 32.72 -22.31 10.64
C HIS A 367 32.80 -23.05 11.96
N LYS A 368 32.63 -24.36 11.90
CA LYS A 368 32.92 -25.22 13.04
C LYS A 368 34.42 -25.51 13.07
N ALA A 369 35.01 -25.44 14.26
CA ALA A 369 36.45 -25.50 14.38
C ALA A 369 36.99 -26.87 13.96
N THR A 370 38.17 -26.87 13.34
CA THR A 370 38.98 -28.07 13.20
C THR A 370 40.00 -28.13 14.33
N ALA A 371 40.58 -29.29 14.52
CA ALA A 371 41.67 -29.45 15.49
C ALA A 371 42.86 -28.58 15.09
N VAL B 27 16.92 -5.88 -14.98
CA VAL B 27 18.23 -6.45 -14.70
C VAL B 27 18.46 -6.53 -13.19
N ASN B 28 17.95 -5.54 -12.44
CA ASN B 28 18.10 -5.55 -10.97
C ASN B 28 16.87 -6.21 -10.34
N TYR B 29 16.79 -7.52 -10.55
CA TYR B 29 15.72 -8.30 -9.92
C TYR B 29 15.87 -8.28 -8.40
N LEU B 30 17.11 -8.21 -7.90
CA LEU B 30 17.34 -8.35 -6.46
C LEU B 30 16.66 -7.24 -5.68
N SER B 31 16.93 -5.98 -6.03
CA SER B 31 16.27 -4.87 -5.35
C SER B 31 14.84 -4.68 -5.83
N GLY B 32 14.47 -5.26 -6.97
CA GLY B 32 13.07 -5.28 -7.37
C GLY B 32 12.19 -6.07 -6.42
N LEU B 33 12.76 -7.01 -5.67
CA LEU B 33 11.99 -7.64 -4.59
C LEU B 33 11.52 -6.60 -3.58
N GLY B 34 12.27 -5.52 -3.42
CA GLY B 34 11.89 -4.44 -2.54
C GLY B 34 10.63 -3.69 -2.96
N LEU B 35 10.08 -3.98 -4.14
CA LEU B 35 8.80 -3.39 -4.50
C LEU B 35 7.69 -3.82 -3.55
N SER B 36 7.94 -4.84 -2.72
CA SER B 36 7.03 -5.20 -1.66
C SER B 36 6.85 -4.06 -0.66
N ARG B 37 7.78 -3.09 -0.65
CA ARG B 37 7.65 -1.93 0.23
C ARG B 37 6.37 -1.15 -0.05
N LEU B 38 5.82 -1.27 -1.26
CA LEU B 38 4.64 -0.48 -1.62
C LEU B 38 3.42 -0.90 -0.81
N ILE B 39 3.32 -2.17 -0.45
CA ILE B 39 2.23 -2.57 0.45
C ILE B 39 2.61 -2.38 1.92
N CYS B 40 3.91 -2.49 2.27
CA CYS B 40 4.31 -2.32 3.67
C CYS B 40 4.12 -0.88 4.14
N LEU B 41 4.46 0.10 3.29
CA LEU B 41 4.45 1.49 3.72
C LEU B 41 3.08 1.99 4.16
N PRO B 42 2.00 1.84 3.39
CA PRO B 42 0.70 2.33 3.85
C PRO B 42 0.18 1.63 5.09
N MET B 43 0.55 0.36 5.30
CA MET B 43 0.12 -0.32 6.53
C MET B 43 0.94 0.13 7.73
N ALA B 44 2.24 0.41 7.54
CA ALA B 44 3.02 1.02 8.60
C ALA B 44 2.47 2.40 8.96
N LEU B 45 2.08 3.19 7.95
CA LEU B 45 1.53 4.51 8.22
C LEU B 45 0.22 4.41 9.00
N ARG B 46 -0.65 3.49 8.61
CA ARG B 46 -1.91 3.31 9.35
C ARG B 46 -1.62 2.92 10.80
N ALA B 47 -0.66 2.03 11.02
CA ALA B 47 -0.31 1.67 12.38
C ALA B 47 0.18 2.88 13.17
N ALA B 48 1.05 3.71 12.56
CA ALA B 48 1.58 4.87 13.26
C ALA B 48 0.49 5.87 13.58
N ILE B 49 -0.46 6.05 12.66
CA ILE B 49 -1.60 6.93 12.91
C ILE B 49 -2.43 6.41 14.08
N GLU B 50 -2.70 5.10 14.09
CA GLU B 50 -3.52 4.51 15.13
C GLU B 50 -2.81 4.54 16.47
N LEU B 51 -1.48 4.51 16.47
CA LEU B 51 -0.69 4.64 17.69
C LEU B 51 -0.47 6.09 18.09
N ASN B 52 -0.99 7.04 17.32
CA ASN B 52 -0.95 8.48 17.63
C ASN B 52 0.47 9.04 17.62
N VAL B 53 1.33 8.47 16.75
CA VAL B 53 2.75 8.81 16.74
C VAL B 53 2.99 10.27 16.43
N PHE B 54 2.24 10.81 15.46
CA PHE B 54 2.55 12.15 14.96
C PHE B 54 2.14 13.22 15.95
N GLU B 55 1.01 13.01 16.64
CA GLU B 55 0.60 13.94 17.71
C GLU B 55 1.57 13.89 18.87
N ILE B 56 2.11 12.70 19.18
CA ILE B 56 3.07 12.61 20.28
C ILE B 56 4.33 13.38 19.96
N ILE B 57 4.83 13.26 18.72
CA ILE B 57 6.01 14.00 18.31
C ILE B 57 5.73 15.50 18.33
N PHE B 58 4.62 15.93 17.74
CA PHE B 58 4.29 17.35 17.67
C PHE B 58 4.17 17.96 19.07
N GLN B 59 3.57 17.22 20.00
CA GLN B 59 3.36 17.73 21.36
C GLN B 59 4.66 17.86 22.12
N ALA B 60 5.69 17.10 21.76
CA ALA B 60 6.94 17.18 22.51
C ALA B 60 7.63 18.53 22.34
N GLY B 61 7.35 19.25 21.26
CA GLY B 61 8.01 20.50 21.01
C GLY B 61 8.01 20.86 19.54
N PRO B 62 8.33 22.12 19.22
CA PRO B 62 8.20 22.59 17.82
C PRO B 62 8.93 21.75 16.79
N GLU B 63 10.22 21.48 16.98
CA GLU B 63 10.96 20.61 16.06
C GLU B 63 11.57 19.41 16.80
N ALA B 64 10.76 18.77 17.63
CA ALA B 64 11.25 17.67 18.44
C ALA B 64 11.62 16.48 17.57
N GLN B 65 12.63 15.75 18.02
CA GLN B 65 13.01 14.47 17.43
C GLN B 65 13.05 13.47 18.58
N LEU B 66 12.11 12.53 18.60
CA LEU B 66 11.93 11.63 19.73
C LEU B 66 12.48 10.24 19.42
N SER B 67 13.04 9.61 20.44
CA SER B 67 13.36 8.21 20.32
C SER B 67 12.09 7.37 20.40
N PRO B 68 12.12 6.14 19.90
CA PRO B 68 10.95 5.26 20.10
C PRO B 68 10.55 5.12 21.56
N ALA B 69 11.51 5.13 22.48
CA ALA B 69 11.17 5.01 23.89
C ALA B 69 10.44 6.24 24.41
N GLU B 70 10.83 7.43 23.92
CA GLU B 70 10.12 8.64 24.32
C GLU B 70 8.69 8.66 23.77
N ILE B 71 8.49 8.13 22.56
CA ILE B 71 7.15 8.06 21.98
C ILE B 71 6.30 7.06 22.74
N VAL B 72 6.86 5.88 23.02
CA VAL B 72 6.14 4.85 23.76
C VAL B 72 5.72 5.33 25.14
N ALA B 73 6.47 6.28 25.71
CA ALA B 73 6.11 6.83 27.02
C ALA B 73 4.73 7.47 27.00
N LYS B 74 4.27 7.92 25.82
CA LYS B 74 2.95 8.53 25.69
C LYS B 74 1.93 7.58 25.08
N ILE B 75 2.30 6.33 24.85
CA ILE B 75 1.39 5.33 24.32
C ILE B 75 0.90 4.47 25.49
N PRO B 76 -0.41 4.26 25.64
CA PRO B 76 -0.90 3.45 26.76
C PRO B 76 -0.58 1.97 26.58
N THR B 77 0.63 1.59 26.97
CA THR B 77 1.04 0.19 26.92
C THR B 77 2.05 -0.04 28.04
N LYS B 78 2.03 -1.25 28.58
CA LYS B 78 3.04 -1.70 29.53
C LYS B 78 3.95 -2.76 28.92
N ASN B 79 3.94 -2.89 27.60
CA ASN B 79 4.80 -3.82 26.87
C ASN B 79 6.24 -3.32 26.88
N PRO B 80 7.18 -4.01 27.54
CA PRO B 80 8.57 -3.54 27.52
C PRO B 80 9.20 -3.56 26.15
N ASN B 81 8.72 -4.42 25.26
CA ASN B 81 9.25 -4.50 23.91
C ASN B 81 8.60 -3.50 22.94
N ALA B 82 7.82 -2.55 23.46
CA ALA B 82 7.04 -1.66 22.60
C ALA B 82 7.94 -0.73 21.77
N ALA B 83 9.02 -0.22 22.38
CA ALA B 83 9.89 0.70 21.66
C ALA B 83 10.65 0.00 20.54
N ILE B 84 11.15 -1.20 20.80
CA ILE B 84 11.79 -1.99 19.75
C ILE B 84 10.82 -2.24 18.61
N ALA B 85 9.59 -2.64 18.96
CA ALA B 85 8.58 -2.89 17.94
C ALA B 85 8.22 -1.61 17.19
N LEU B 86 8.02 -0.51 17.92
CA LEU B 86 7.65 0.75 17.27
C LEU B 86 8.75 1.21 16.33
N ASP B 87 10.00 1.05 16.73
CA ASP B 87 11.12 1.46 15.89
C ASP B 87 11.10 0.77 14.52
N ARG B 88 10.63 -0.47 14.47
CA ARG B 88 10.54 -1.17 13.18
C ARG B 88 9.53 -0.49 12.25
N ILE B 89 8.44 0.06 12.79
CA ILE B 89 7.47 0.77 11.96
C ILE B 89 8.00 2.13 11.56
N LEU B 90 8.49 2.92 12.54
CA LEU B 90 8.95 4.27 12.26
C LEU B 90 10.15 4.27 11.32
N ARG B 91 11.01 3.25 11.46
CA ARG B 91 12.10 2.97 10.52
C ARG B 91 11.66 3.08 9.07
N MET B 92 10.62 2.33 8.72
CA MET B 92 10.13 2.33 7.35
C MET B 92 9.59 3.69 6.96
N LEU B 93 8.89 4.36 7.88
CA LEU B 93 8.36 5.69 7.57
C LEU B 93 9.48 6.71 7.36
N GLY B 94 10.55 6.59 8.14
CA GLY B 94 11.66 7.52 7.98
C GLY B 94 12.37 7.34 6.65
N ALA B 95 12.68 6.10 6.28
CA ALA B 95 13.30 5.86 4.98
C ALA B 95 12.40 6.31 3.84
N SER B 96 11.09 6.39 4.07
CA SER B 96 10.12 6.80 3.08
C SER B 96 9.79 8.29 3.15
N SER B 97 10.53 9.05 3.95
CA SER B 97 10.40 10.51 4.07
C SER B 97 9.07 10.96 4.68
N ILE B 98 8.35 10.04 5.32
CA ILE B 98 7.17 10.44 6.07
C ILE B 98 7.58 10.98 7.43
N LEU B 99 8.65 10.44 8.00
CA LEU B 99 9.28 10.99 9.20
C LEU B 99 10.74 11.30 8.89
N SER B 100 11.30 12.25 9.64
CA SER B 100 12.74 12.45 9.63
C SER B 100 13.37 11.43 10.55
N VAL B 101 14.52 10.90 10.14
CA VAL B 101 15.23 9.92 10.96
C VAL B 101 16.69 10.34 11.06
N THR B 102 17.13 10.61 12.28
CA THR B 102 18.52 10.89 12.59
C THR B 102 19.05 9.74 13.44
N THR B 103 20.05 9.04 12.93
CA THR B 103 20.65 7.93 13.66
C THR B 103 21.76 8.48 14.55
N MET B 104 21.58 8.33 15.85
CA MET B 104 22.55 8.72 16.85
C MET B 104 23.13 7.46 17.49
N LYS B 105 23.98 7.64 18.49
CA LYS B 105 24.72 6.49 18.98
C LYS B 105 23.84 5.53 19.78
N ASP B 106 22.91 6.06 20.55
CA ASP B 106 21.96 5.22 21.29
C ASP B 106 20.78 4.75 20.45
N GLY B 107 20.63 5.25 19.24
CA GLY B 107 19.56 4.80 18.37
C GLY B 107 19.08 5.92 17.47
N ARG B 108 17.97 5.65 16.79
CA ARG B 108 17.36 6.62 15.90
C ARG B 108 16.39 7.50 16.66
N VAL B 109 16.25 8.75 16.19
CA VAL B 109 15.23 9.66 16.69
C VAL B 109 14.42 10.15 15.50
N TYR B 110 13.14 10.44 15.75
CA TYR B 110 12.19 10.69 14.68
C TYR B 110 11.50 12.03 14.89
N GLY B 111 11.40 12.82 13.82
CA GLY B 111 10.66 14.06 13.86
C GLY B 111 9.70 14.14 12.69
N LEU B 112 8.87 15.17 12.71
CA LEU B 112 7.92 15.40 11.63
C LEU B 112 8.64 15.97 10.40
N THR B 113 8.03 15.77 9.25
CA THR B 113 8.49 16.37 8.00
C THR B 113 7.35 17.18 7.39
N GLU B 114 7.64 17.84 6.27
CA GLU B 114 6.61 18.59 5.57
C GLU B 114 5.45 17.68 5.19
N GLU B 115 5.74 16.43 4.81
CA GLU B 115 4.69 15.52 4.37
C GLU B 115 3.83 15.01 5.51
N SER B 116 4.35 14.99 6.75
CA SER B 116 3.58 14.45 7.87
C SER B 116 2.93 15.53 8.72
N ARG B 117 3.20 16.81 8.46
CA ARG B 117 2.53 17.87 9.20
C ARG B 117 1.01 17.73 9.10
N CYS B 118 0.51 17.27 7.96
CA CYS B 118 -0.94 17.19 7.82
C CYS B 118 -1.58 16.13 8.70
N LEU B 119 -0.78 15.26 9.33
CA LEU B 119 -1.29 14.24 10.25
C LEU B 119 -1.51 14.78 11.66
N VAL B 120 -1.22 16.05 11.92
CA VAL B 120 -1.39 16.67 13.22
C VAL B 120 -2.58 17.62 13.15
N ALA B 121 -3.49 17.50 14.09
CA ALA B 121 -4.72 18.30 14.07
C ALA B 121 -4.40 19.78 14.24
N ASP B 122 -5.21 20.62 13.59
CA ASP B 122 -5.08 22.07 13.71
C ASP B 122 -5.75 22.53 14.99
N LYS B 123 -5.88 23.78 15.07
CA LYS B 123 -6.43 24.31 16.31
C LYS B 123 -7.92 24.01 16.48
N ASN B 124 -8.62 23.60 15.52
CA ASN B 124 -10.01 23.13 15.61
C ASN B 124 -10.11 21.61 15.65
N GLY B 125 -8.98 20.92 15.74
CA GLY B 125 -9.01 19.47 15.88
C GLY B 125 -9.15 18.70 14.59
N VAL B 126 -8.82 19.30 13.44
CA VAL B 126 -9.02 18.68 12.15
C VAL B 126 -7.67 18.35 11.54
N SER B 127 -7.57 17.15 10.96
CA SER B 127 -6.40 16.68 10.25
C SER B 127 -6.87 15.79 9.10
N VAL B 128 -5.91 15.23 8.36
CA VAL B 128 -6.28 14.29 7.29
C VAL B 128 -6.53 12.89 7.81
N VAL B 129 -6.34 12.67 9.12
CA VAL B 129 -6.40 11.31 9.66
C VAL B 129 -7.70 10.60 9.32
N PRO B 130 -8.89 11.19 9.54
CA PRO B 130 -10.13 10.46 9.20
C PRO B 130 -10.17 9.98 7.76
N MET B 131 -9.69 10.80 6.81
CA MET B 131 -9.64 10.36 5.42
C MET B 131 -8.68 9.20 5.25
N LEU B 132 -7.49 9.30 5.85
CA LEU B 132 -6.48 8.27 5.63
C LEU B 132 -6.90 6.94 6.23
N LEU B 133 -7.60 6.96 7.37
CA LEU B 133 -8.06 5.70 7.95
C LEU B 133 -9.20 5.10 7.12
N PHE B 134 -10.07 5.94 6.57
CA PHE B 134 -11.14 5.39 5.74
C PHE B 134 -10.58 4.73 4.48
N THR B 135 -9.72 5.43 3.78
CA THR B 135 -9.20 4.92 2.54
C THR B 135 -8.42 3.62 2.65
N SER B 136 -7.92 3.32 3.81
CA SER B 136 -7.19 2.10 4.01
C SER B 136 -7.96 1.13 4.89
N ASP B 137 -9.24 1.40 5.12
CA ASP B 137 -10.05 0.53 5.93
C ASP B 137 -10.22 -0.80 5.22
N LYS B 138 -10.50 -1.83 6.00
CA LYS B 138 -10.67 -3.16 5.47
C LYS B 138 -11.62 -3.27 4.31
N ALA B 139 -12.80 -2.70 4.43
CA ALA B 139 -13.79 -2.81 3.36
C ALA B 139 -13.27 -2.23 2.04
N VAL B 140 -12.48 -1.16 2.11
CA VAL B 140 -11.95 -0.55 0.89
C VAL B 140 -10.84 -1.41 0.31
N VAL B 141 -9.87 -1.79 1.15
CA VAL B 141 -8.73 -2.57 0.66
C VAL B 141 -9.18 -3.93 0.14
N GLU B 142 -10.21 -4.53 0.76
CA GLU B 142 -10.74 -5.79 0.26
C GLU B 142 -11.27 -5.63 -1.16
N SER B 143 -12.00 -4.55 -1.42
CA SER B 143 -12.53 -4.31 -2.76
C SER B 143 -11.42 -4.05 -3.77
N PHE B 144 -10.26 -3.55 -3.32
CA PHE B 144 -9.18 -3.24 -4.25
C PHE B 144 -8.65 -4.46 -4.98
N TYR B 145 -8.83 -5.66 -4.40
CA TYR B 145 -8.39 -6.88 -5.05
C TYR B 145 -9.13 -7.14 -6.35
N ASN B 146 -10.26 -6.48 -6.59
CA ASN B 146 -11.09 -6.77 -7.75
C ASN B 146 -11.12 -5.65 -8.78
N ILE B 147 -10.20 -4.68 -8.70
CA ILE B 147 -10.24 -3.61 -9.67
C ILE B 147 -9.87 -4.11 -11.06
N LYS B 148 -9.08 -5.19 -11.15
CA LYS B 148 -8.81 -5.76 -12.47
C LYS B 148 -10.08 -6.27 -13.14
N ASP B 149 -11.12 -6.60 -12.37
CA ASP B 149 -12.39 -7.03 -12.94
C ASP B 149 -13.08 -5.92 -13.70
N VAL B 150 -12.82 -4.65 -13.37
CA VAL B 150 -13.37 -3.56 -14.15
C VAL B 150 -12.74 -3.50 -15.53
N VAL B 151 -11.49 -3.93 -15.64
CA VAL B 151 -10.84 -4.06 -16.95
C VAL B 151 -11.38 -5.27 -17.69
N LEU B 152 -11.53 -6.39 -17.00
CA LEU B 152 -11.79 -7.66 -17.68
C LEU B 152 -13.25 -7.86 -18.02
N GLU B 153 -14.17 -7.36 -17.20
CA GLU B 153 -15.58 -7.72 -17.30
C GLU B 153 -16.42 -6.47 -17.51
N GLU B 154 -17.14 -6.43 -18.60
CA GLU B 154 -18.02 -5.35 -18.89
C GLU B 154 -19.13 -5.31 -17.87
N GLY B 155 -19.40 -4.12 -17.39
CA GLY B 155 -20.48 -3.88 -16.47
C GLY B 155 -20.48 -4.42 -15.08
N VAL B 156 -19.51 -5.23 -14.75
CA VAL B 156 -19.43 -5.77 -13.44
C VAL B 156 -19.03 -4.69 -12.48
N ILE B 157 -19.50 -4.78 -11.24
CA ILE B 157 -19.13 -3.81 -10.22
C ILE B 157 -18.93 -4.47 -8.85
N PHE B 159 -16.93 -3.46 -5.45
CA PHE B 159 -17.72 -3.46 -4.22
C PHE B 159 -19.00 -4.22 -4.26
N ASP B 160 -19.80 -3.97 -5.27
CA ASP B 160 -21.03 -4.67 -5.39
C ASP B 160 -20.72 -6.13 -5.68
N ARG B 161 -19.44 -6.48 -5.84
CA ARG B 161 -19.11 -7.88 -6.10
C ARG B 161 -18.68 -8.42 -4.78
N THR B 162 -17.60 -7.83 -4.41
CA THR B 162 -16.88 -8.03 -3.19
C THR B 162 -17.85 -7.98 -2.00
N HIS B 163 -18.95 -7.21 -2.06
CA HIS B 163 -19.74 -7.00 -0.85
C HIS B 163 -21.24 -7.32 -0.99
N GLY B 164 -21.83 -7.12 -2.17
CA GLY B 164 -23.20 -7.56 -2.43
C GLY B 164 -24.21 -6.45 -2.64
N MET B 165 -23.90 -5.21 -2.26
CA MET B 165 -24.76 -4.07 -2.54
C MET B 165 -23.85 -2.91 -2.94
N ASP B 166 -24.43 -1.76 -3.27
CA ASP B 166 -23.58 -0.62 -3.58
C ASP B 166 -23.03 -0.01 -2.30
N PHE B 167 -22.01 0.85 -2.46
CA PHE B 167 -21.27 1.34 -1.30
C PHE B 167 -22.18 2.11 -0.35
N PHE B 168 -23.07 2.94 -0.89
CA PHE B 168 -23.90 3.78 0.00
C PHE B 168 -24.93 2.93 0.73
N ALA B 169 -25.51 1.93 0.06
CA ALA B 169 -26.36 0.97 0.75
C ALA B 169 -25.59 0.22 1.83
N TYR B 170 -24.37 -0.23 1.51
CA TYR B 170 -23.53 -0.89 2.51
C TYR B 170 -23.28 0.01 3.71
N ALA B 171 -23.08 1.31 3.47
CA ALA B 171 -22.90 2.25 4.57
C ALA B 171 -24.15 2.32 5.45
N GLY B 172 -25.33 2.35 4.83
CA GLY B 172 -26.55 2.35 5.59
C GLY B 172 -26.74 1.11 6.42
N LYS B 173 -26.15 0.09 6.10
CA LYS B 173 -26.13 -1.20 6.74
C LYS B 173 -24.97 -1.39 7.71
N GLU B 174 -23.76 -0.94 7.50
CA GLU B 174 -22.62 -1.16 8.39
C GLU B 174 -22.26 0.18 9.03
N GLN B 175 -22.68 0.35 10.29
CA GLN B 175 -22.56 1.65 10.94
C GLN B 175 -21.11 2.08 11.10
N SER B 176 -20.19 1.14 11.30
CA SER B 176 -18.78 1.51 11.41
C SER B 176 -18.26 2.10 10.12
N VAL B 177 -18.71 1.57 8.98
CA VAL B 177 -18.33 2.13 7.68
C VAL B 177 -18.99 3.49 7.47
N ASN B 178 -20.28 3.59 7.80
CA ASN B 178 -20.98 4.87 7.76
C ASN B 178 -20.21 5.94 8.53
N LYS B 179 -19.87 5.65 9.79
CA LYS B 179 -19.16 6.62 10.61
C LYS B 179 -17.79 6.96 10.01
N SER B 180 -17.02 5.95 9.62
CA SER B 180 -15.68 6.18 9.12
C SER B 180 -15.70 7.01 7.84
N PHE B 181 -16.62 6.70 6.93
CA PHE B 181 -16.75 7.47 5.70
C PHE B 181 -17.24 8.89 5.98
N ASN B 182 -18.30 9.02 6.79
CA ASN B 182 -18.84 10.34 7.09
C ASN B 182 -17.79 11.24 7.75
N GLN B 183 -16.97 10.66 8.62
CA GLN B 183 -15.93 11.46 9.28
C GLN B 183 -14.80 11.80 8.33
N ALA B 184 -14.48 10.86 7.42
CA ALA B 184 -13.50 11.15 6.38
C ALA B 184 -13.93 12.33 5.53
N MET B 185 -15.18 12.32 5.08
CA MET B 185 -15.67 13.40 4.23
C MET B 185 -15.81 14.71 5.01
N GLY B 186 -16.18 14.63 6.29
CA GLY B 186 -16.27 15.85 7.08
C GLY B 186 -14.92 16.51 7.28
N ALA B 187 -13.89 15.71 7.58
CA ALA B 187 -12.54 16.26 7.70
C ALA B 187 -12.09 16.88 6.39
N GLY B 188 -12.29 16.16 5.28
CA GLY B 188 -11.97 16.70 3.98
C GLY B 188 -12.70 18.00 3.68
N SER B 189 -13.92 18.15 4.21
CA SER B 189 -14.73 19.34 3.94
C SER B 189 -14.15 20.57 4.61
N THR B 190 -13.79 20.46 5.89
CA THR B 190 -13.12 21.57 6.56
C THR B 190 -11.84 21.94 5.83
N ILE B 191 -11.07 20.93 5.42
CA ILE B 191 -9.79 21.17 4.75
C ILE B 191 -9.99 21.85 3.40
N ALA B 192 -10.98 21.39 2.64
CA ALA B 192 -11.24 21.97 1.33
C ALA B 192 -11.73 23.41 1.44
N PHE B 193 -12.66 23.67 2.36
CA PHE B 193 -13.24 25.02 2.43
C PHE B 193 -12.28 26.01 3.08
N ASP B 194 -11.39 25.56 3.97
CA ASP B 194 -10.33 26.44 4.45
C ASP B 194 -9.49 26.95 3.29
N GLU B 195 -9.27 26.11 2.27
CA GLU B 195 -8.59 26.55 1.06
C GLU B 195 -9.51 27.38 0.16
N VAL B 196 -10.77 26.96 0.03
CA VAL B 196 -11.70 27.66 -0.86
C VAL B 196 -11.82 29.12 -0.47
N PHE B 197 -11.97 29.38 0.83
CA PHE B 197 -12.27 30.73 1.30
C PHE B 197 -11.10 31.70 1.16
N LYS B 198 -9.88 31.21 0.89
CA LYS B 198 -8.78 32.12 0.61
C LYS B 198 -8.82 32.69 -0.80
N VAL B 199 -9.65 32.12 -1.69
CA VAL B 199 -9.59 32.42 -3.12
C VAL B 199 -10.96 32.78 -3.66
N TYR B 200 -11.99 32.07 -3.21
CA TYR B 200 -13.31 32.15 -3.81
C TYR B 200 -14.26 32.97 -2.94
N LYS B 201 -14.86 34.00 -3.54
CA LYS B 201 -15.77 34.89 -2.83
C LYS B 201 -17.22 34.74 -3.28
N GLY B 202 -17.54 33.67 -4.02
CA GLY B 202 -18.86 33.54 -4.61
C GLY B 202 -19.97 33.27 -3.62
N PHE B 203 -19.65 32.83 -2.40
CA PHE B 203 -20.68 32.67 -1.37
C PHE B 203 -21.11 34.02 -0.80
N HIS B 204 -20.51 35.11 -1.27
CA HIS B 204 -20.73 36.47 -0.74
C HIS B 204 -22.22 36.82 -0.61
N ASP B 205 -22.94 36.90 -1.74
CA ASP B 205 -24.29 37.44 -1.77
C ASP B 205 -25.39 36.41 -1.54
N LEU B 206 -25.04 35.13 -1.38
CA LEU B 206 -26.05 34.09 -1.24
C LEU B 206 -26.84 34.26 0.05
N LYS B 207 -28.12 33.91 -0.01
CA LYS B 207 -28.99 33.89 1.15
C LYS B 207 -29.40 32.48 1.57
N GLU B 208 -29.48 31.55 0.63
CA GLU B 208 -29.93 30.19 0.88
C GLU B 208 -29.09 29.24 0.06
N LEU B 209 -28.66 28.14 0.67
CA LEU B 209 -27.84 27.16 -0.03
C LEU B 209 -28.30 25.77 0.37
N VAL B 210 -28.65 24.96 -0.61
CA VAL B 210 -29.01 23.56 -0.39
C VAL B 210 -27.82 22.70 -0.80
N ASP B 211 -27.32 21.92 0.15
CA ASP B 211 -26.17 21.05 -0.10
C ASP B 211 -26.69 19.67 -0.47
N VAL B 212 -26.60 19.33 -1.75
CA VAL B 212 -27.10 18.05 -2.24
C VAL B 212 -26.03 16.98 -2.00
N GLY B 213 -26.36 16.00 -1.17
CA GLY B 213 -25.36 15.04 -0.73
C GLY B 213 -24.30 15.68 0.14
N GLY B 214 -24.71 16.57 1.05
CA GLY B 214 -23.76 17.35 1.82
C GLY B 214 -23.16 16.68 3.04
N GLY B 215 -23.24 15.35 3.09
CA GLY B 215 -22.59 14.63 4.18
C GLY B 215 -23.27 14.90 5.51
N ILE B 216 -22.46 14.97 6.57
CA ILE B 216 -23.01 15.19 7.91
C ILE B 216 -23.19 16.70 8.16
N GLY B 217 -23.02 17.52 7.13
CA GLY B 217 -23.29 18.94 7.25
C GLY B 217 -22.09 19.82 7.52
N THR B 218 -20.88 19.26 7.53
CA THR B 218 -19.69 20.04 7.86
C THR B 218 -19.47 21.16 6.86
N SER B 219 -19.63 20.87 5.57
CA SER B 219 -19.46 21.90 4.54
C SER B 219 -20.34 23.11 4.82
N LEU B 220 -21.64 22.89 5.03
CA LEU B 220 -22.55 24.01 5.28
C LEU B 220 -22.19 24.76 6.56
N SER B 221 -21.75 24.02 7.58
CA SER B 221 -21.34 24.68 8.83
C SER B 221 -20.13 25.57 8.61
N ASN B 222 -19.15 25.08 7.84
CA ASN B 222 -17.99 25.90 7.49
C ASN B 222 -18.40 27.15 6.75
N ILE B 223 -19.27 27.00 5.75
CA ILE B 223 -19.73 28.15 4.97
C ILE B 223 -20.48 29.14 5.85
N ILE B 224 -21.41 28.63 6.62
CA ILE B 224 -22.22 29.46 7.48
C ILE B 224 -21.44 30.21 8.54
N SER B 225 -20.39 29.63 9.08
CA SER B 225 -19.60 30.28 10.04
C SER B 225 -18.87 31.44 9.39
N LYS B 226 -18.58 31.35 8.12
CA LYS B 226 -17.95 32.41 7.41
C LYS B 226 -18.97 33.42 6.95
N TYR B 227 -20.14 32.98 6.55
CA TYR B 227 -21.19 33.87 6.07
C TYR B 227 -22.46 33.58 6.87
N PRO B 228 -22.62 34.20 8.03
CA PRO B 228 -23.76 33.87 8.90
C PRO B 228 -25.12 34.23 8.32
N HIS B 229 -25.19 34.98 7.22
CA HIS B 229 -26.47 35.30 6.61
C HIS B 229 -27.02 34.17 5.76
N ILE B 230 -26.26 33.09 5.57
CA ILE B 230 -26.66 32.01 4.67
C ILE B 230 -27.54 31.03 5.43
N LYS B 231 -28.70 30.71 4.85
CA LYS B 231 -29.54 29.65 5.37
C LYS B 231 -29.17 28.35 4.68
N GLY B 232 -28.69 27.38 5.45
CA GLY B 232 -28.21 26.12 4.91
C GLY B 232 -29.20 25.00 5.10
N ILE B 233 -29.38 24.20 4.06
CA ILE B 233 -30.22 23.01 4.10
C ILE B 233 -29.40 21.84 3.56
N ASN B 234 -29.19 20.83 4.40
CA ASN B 234 -28.42 19.66 4.05
C ASN B 234 -29.36 18.56 3.57
N PHE B 235 -29.13 18.08 2.35
CA PHE B 235 -30.00 17.10 1.71
C PHE B 235 -29.20 15.80 1.54
N GLU B 236 -29.58 14.76 2.29
CA GLU B 236 -28.76 13.56 2.35
C GLU B 236 -29.63 12.32 2.53
N LEU B 237 -28.98 11.15 2.47
CA LEU B 237 -29.65 9.90 2.75
C LEU B 237 -29.97 9.80 4.24
N PRO B 238 -31.03 9.06 4.59
CA PRO B 238 -31.43 8.99 6.02
C PRO B 238 -30.32 8.50 6.94
N HIS B 239 -29.55 7.50 6.53
CA HIS B 239 -28.54 6.96 7.43
C HIS B 239 -27.35 7.91 7.61
N VAL B 240 -27.17 8.88 6.72
CA VAL B 240 -26.18 9.93 6.95
C VAL B 240 -26.76 11.03 7.85
N ILE B 241 -28.00 11.41 7.60
CA ILE B 241 -28.66 12.45 8.38
C ILE B 241 -28.80 12.03 9.84
N ALA B 242 -29.04 10.77 10.06
CA ALA B 242 -29.18 10.24 11.39
C ALA B 242 -27.95 10.47 12.25
N ASP B 243 -26.79 10.54 11.62
CA ASP B 243 -25.68 10.82 12.43
C ASP B 243 -25.03 12.15 12.26
N ALA B 244 -25.74 13.07 11.65
CA ALA B 244 -25.26 14.42 11.56
C ALA B 244 -25.54 15.25 12.76
N PRO B 245 -24.55 15.96 13.23
CA PRO B 245 -24.79 16.85 14.36
C PRO B 245 -25.60 18.07 13.93
N ASN B 246 -26.18 18.73 14.92
CA ASN B 246 -26.96 19.93 14.66
C ASN B 246 -26.04 21.14 14.74
N TYR B 247 -25.83 21.78 13.60
CA TYR B 247 -25.17 23.07 13.45
C TYR B 247 -26.22 24.16 13.35
N PRO B 248 -26.01 25.31 14.01
CA PRO B 248 -27.00 26.40 13.88
C PRO B 248 -26.97 26.97 12.47
N GLY B 249 -28.17 27.30 11.97
CA GLY B 249 -28.31 27.74 10.61
C GLY B 249 -28.40 26.63 9.58
N VAL B 250 -28.35 25.37 10.01
CA VAL B 250 -28.40 24.21 9.13
C VAL B 250 -29.61 23.37 9.51
N GLU B 251 -30.44 23.04 8.52
CA GLU B 251 -31.51 22.06 8.69
C GLU B 251 -31.21 20.85 7.83
N HIS B 252 -31.41 19.65 8.40
CA HIS B 252 -31.11 18.40 7.71
C HIS B 252 -32.38 17.81 7.12
N ILE B 253 -32.35 17.50 5.83
CA ILE B 253 -33.50 16.92 5.12
C ILE B 253 -33.04 15.59 4.50
N ALA B 254 -33.85 14.55 4.70
CA ALA B 254 -33.57 13.26 4.09
C ALA B 254 -34.23 13.17 2.72
N GLY B 255 -33.58 12.45 1.81
CA GLY B 255 -34.12 12.34 0.46
C GLY B 255 -33.27 11.45 -0.42
N ASN B 256 -33.65 11.41 -1.69
CA ASN B 256 -32.95 10.68 -2.73
C ASN B 256 -32.79 11.64 -3.90
N MET B 257 -31.54 12.09 -4.14
CA MET B 257 -31.30 13.14 -5.13
C MET B 257 -31.63 12.69 -6.55
N PHE B 258 -31.70 11.39 -6.81
CA PHE B 258 -32.09 10.95 -8.14
C PHE B 258 -33.59 11.09 -8.38
N GLU B 259 -34.39 11.11 -7.33
CA GLU B 259 -35.82 11.35 -7.47
C GLU B 259 -36.18 12.82 -7.50
N GLY B 260 -35.39 13.67 -6.85
CA GLY B 260 -35.63 15.10 -6.84
C GLY B 260 -34.83 15.82 -5.79
N VAL B 261 -34.64 17.13 -5.97
CA VAL B 261 -33.92 17.92 -4.97
C VAL B 261 -34.84 19.03 -4.51
N PRO B 262 -34.73 19.48 -3.25
CA PRO B 262 -35.62 20.54 -2.76
C PRO B 262 -35.43 21.84 -3.54
N ASN B 263 -36.50 22.61 -3.64
CA ASN B 263 -36.42 23.94 -4.23
C ASN B 263 -35.36 24.76 -3.51
N ALA B 264 -34.53 25.44 -4.29
CA ALA B 264 -33.34 26.08 -3.73
C ALA B 264 -33.00 27.30 -4.55
N GLN B 265 -32.59 28.38 -3.87
CA GLN B 265 -32.02 29.52 -4.57
C GLN B 265 -30.68 29.15 -5.20
N ASN B 266 -29.87 28.37 -4.48
CA ASN B 266 -28.58 27.90 -4.96
C ASN B 266 -28.31 26.52 -4.37
N ILE B 267 -27.47 25.74 -5.05
CA ILE B 267 -27.19 24.37 -4.67
C ILE B 267 -25.68 24.18 -4.59
N LEU B 268 -25.23 23.42 -3.58
CA LEU B 268 -23.83 23.03 -3.46
C LEU B 268 -23.70 21.55 -3.82
N LEU B 269 -22.69 21.23 -4.62
CA LEU B 269 -22.43 19.86 -5.08
C LEU B 269 -20.93 19.60 -4.91
N LYS B 270 -20.54 19.03 -3.77
CA LYS B 270 -19.13 18.80 -3.47
C LYS B 270 -18.86 17.31 -3.35
N TRP B 271 -17.92 16.81 -4.15
CA TRP B 271 -17.50 15.41 -4.12
C TRP B 271 -18.69 14.47 -4.26
N VAL B 272 -19.67 14.90 -5.06
CA VAL B 272 -20.84 14.09 -5.39
C VAL B 272 -20.76 13.61 -6.83
N LEU B 273 -20.61 14.54 -7.78
CA LEU B 273 -20.53 14.19 -9.20
C LEU B 273 -19.43 13.16 -9.48
N HIS B 274 -18.30 13.26 -8.78
CA HIS B 274 -17.24 12.30 -9.07
C HIS B 274 -17.57 10.88 -8.63
N ASP B 275 -18.68 10.68 -7.91
CA ASP B 275 -19.17 9.35 -7.55
C ASP B 275 -19.90 8.63 -8.67
N TRP B 276 -20.25 9.31 -9.77
CA TRP B 276 -21.24 8.81 -10.71
C TRP B 276 -20.76 8.92 -12.15
N ASP B 277 -21.24 8.01 -12.99
CA ASP B 277 -20.95 8.10 -14.41
C ASP B 277 -21.67 9.31 -15.00
N ASP B 278 -21.46 9.51 -16.31
CA ASP B 278 -22.02 10.68 -16.99
C ASP B 278 -23.55 10.68 -16.93
N GLU B 279 -24.18 9.54 -17.17
CA GLU B 279 -25.66 9.51 -17.17
C GLU B 279 -26.21 9.89 -15.81
N ARG B 280 -25.66 9.31 -14.74
CA ARG B 280 -26.19 9.62 -13.41
C ARG B 280 -25.81 11.04 -12.98
N SER B 281 -24.64 11.54 -13.39
CA SER B 281 -24.25 12.91 -13.08
C SER B 281 -25.19 13.92 -13.76
N ILE B 282 -25.56 13.63 -15.01
CA ILE B 282 -26.50 14.49 -15.73
C ILE B 282 -27.87 14.46 -15.04
N LYS B 283 -28.32 13.27 -14.61
CA LYS B 283 -29.57 13.17 -13.89
C LYS B 283 -29.57 14.03 -12.63
N ILE B 284 -28.50 13.93 -11.82
CA ILE B 284 -28.39 14.76 -10.62
C ILE B 284 -28.46 16.23 -11.00
N LEU B 285 -27.71 16.63 -12.02
CA LEU B 285 -27.66 18.04 -12.39
C LEU B 285 -28.99 18.51 -12.98
N GLN B 286 -29.69 17.64 -13.70
CA GLN B 286 -31.00 18.01 -14.22
C GLN B 286 -31.99 18.21 -13.09
N ASN B 287 -31.93 17.36 -12.06
CA ASN B 287 -32.79 17.56 -10.91
C ASN B 287 -32.46 18.88 -10.22
N CYS B 288 -31.16 19.21 -10.13
CA CYS B 288 -30.77 20.51 -9.61
C CYS B 288 -31.35 21.64 -10.43
N TRP B 289 -31.24 21.53 -11.75
CA TRP B 289 -31.79 22.54 -12.65
C TRP B 289 -33.27 22.76 -12.38
N LYS B 290 -34.02 21.67 -12.21
CA LYS B 290 -35.46 21.78 -11.97
C LYS B 290 -35.77 22.48 -10.65
N ALA B 291 -34.89 22.37 -9.65
CA ALA B 291 -35.14 22.98 -8.35
C ALA B 291 -34.70 24.44 -8.28
N LEU B 292 -33.99 24.92 -9.25
CA LEU B 292 -33.51 26.28 -9.13
C LEU B 292 -34.47 27.25 -9.82
N PRO B 293 -34.58 28.47 -9.29
CA PRO B 293 -35.29 29.52 -10.02
C PRO B 293 -34.40 30.06 -11.13
N GLU B 294 -34.99 30.89 -11.96
CA GLU B 294 -34.21 31.61 -12.96
C GLU B 294 -33.08 32.37 -12.29
N GLY B 295 -31.86 32.19 -12.80
CA GLY B 295 -30.70 32.81 -12.20
C GLY B 295 -30.01 32.02 -11.10
N GLY B 296 -30.58 30.90 -10.66
CA GLY B 296 -29.94 30.09 -9.65
C GLY B 296 -28.64 29.48 -10.13
N THR B 297 -27.82 29.05 -9.18
CA THR B 297 -26.48 28.52 -9.46
C THR B 297 -26.26 27.20 -8.73
N VAL B 298 -25.64 26.24 -9.41
CA VAL B 298 -25.05 25.08 -8.77
C VAL B 298 -23.57 25.35 -8.58
N ILE B 299 -23.10 25.27 -7.34
CA ILE B 299 -21.70 25.48 -7.02
C ILE B 299 -21.09 24.10 -6.84
N VAL B 300 -20.22 23.70 -7.77
CA VAL B 300 -19.61 22.38 -7.77
C VAL B 300 -18.20 22.51 -7.21
N VAL B 301 -17.86 21.64 -6.25
CA VAL B 301 -16.51 21.58 -5.70
C VAL B 301 -15.98 20.18 -5.94
N GLU B 302 -14.95 20.10 -6.80
CA GLU B 302 -14.29 18.84 -7.08
C GLU B 302 -12.82 19.12 -7.36
N PHE B 303 -12.00 18.08 -7.20
CA PHE B 303 -10.71 18.09 -7.85
C PHE B 303 -10.93 17.92 -9.35
N VAL B 304 -10.02 18.49 -10.14
CA VAL B 304 -10.12 18.44 -11.59
C VAL B 304 -8.93 17.67 -12.13
N LEU B 305 -9.21 16.66 -12.95
CA LEU B 305 -8.16 15.86 -13.58
C LEU B 305 -7.36 16.72 -14.55
N PRO B 306 -6.04 16.85 -14.37
CA PRO B 306 -5.25 17.65 -15.30
C PRO B 306 -5.15 16.98 -16.66
N GLN B 307 -4.87 17.81 -17.67
CA GLN B 307 -4.68 17.28 -19.03
C GLN B 307 -3.41 16.45 -19.12
N ILE B 308 -2.33 16.90 -18.50
CA ILE B 308 -1.04 16.22 -18.55
C ILE B 308 -0.74 15.70 -17.15
N LEU B 309 -0.74 14.38 -17.00
CA LEU B 309 -0.53 13.75 -15.71
C LEU B 309 0.95 13.50 -15.49
N GLY B 310 1.37 13.61 -14.23
CA GLY B 310 2.76 13.40 -13.89
C GLY B 310 2.93 13.22 -12.39
N ASN B 311 4.18 13.31 -11.95
CA ASN B 311 4.52 13.16 -10.53
C ASN B 311 4.43 14.53 -9.86
N ASN B 312 3.22 14.91 -9.48
CA ASN B 312 2.97 16.20 -8.87
C ASN B 312 1.69 16.14 -8.06
N ALA B 313 1.51 17.14 -7.18
CA ALA B 313 0.37 17.15 -6.27
C ALA B 313 -0.94 17.23 -7.03
N GLU B 314 -1.02 18.04 -8.08
CA GLU B 314 -2.27 18.19 -8.82
C GLU B 314 -2.68 16.89 -9.49
N SER B 315 -1.72 16.10 -9.95
CA SER B 315 -2.06 14.80 -10.55
C SER B 315 -2.56 13.83 -9.49
N PHE B 316 -1.77 13.64 -8.43
CA PHE B 316 -2.18 12.70 -7.37
C PHE B 316 -3.50 13.11 -6.75
N ASN B 317 -3.74 14.42 -6.62
CA ASN B 317 -4.97 14.89 -5.97
C ASN B 317 -6.21 14.42 -6.72
N ALA B 318 -6.11 14.19 -8.03
CA ALA B 318 -7.20 13.64 -8.81
C ALA B 318 -7.09 12.12 -8.99
N LEU B 319 -5.88 11.59 -9.20
CA LEU B 319 -5.74 10.16 -9.46
C LEU B 319 -6.06 9.32 -8.23
N THR B 320 -5.78 9.83 -7.04
CA THR B 320 -6.09 9.08 -5.82
C THR B 320 -7.58 8.86 -5.67
N PRO B 321 -8.44 9.88 -5.65
CA PRO B 321 -9.88 9.60 -5.60
C PRO B 321 -10.40 8.85 -6.83
N ASP B 322 -9.78 9.05 -8.00
CA ASP B 322 -10.20 8.30 -9.18
C ASP B 322 -10.05 6.81 -8.97
N LEU B 323 -8.94 6.38 -8.39
CA LEU B 323 -8.73 4.95 -8.16
C LEU B 323 -9.66 4.44 -7.07
N LEU B 324 -9.87 5.23 -6.03
CA LEU B 324 -10.80 4.83 -4.99
C LEU B 324 -12.22 4.68 -5.56
N MET B 325 -12.59 5.55 -6.50
CA MET B 325 -13.88 5.41 -7.17
C MET B 325 -13.95 4.11 -7.95
N MET B 326 -12.86 3.76 -8.63
CA MET B 326 -12.81 2.54 -9.40
C MET B 326 -13.07 1.30 -8.55
N THR B 327 -12.78 1.36 -7.25
CA THR B 327 -13.05 0.21 -6.39
C THR B 327 -14.33 0.34 -5.58
N LEU B 328 -14.80 1.57 -5.32
CA LEU B 328 -15.96 1.79 -4.49
C LEU B 328 -17.24 2.04 -5.29
N ASN B 329 -17.14 2.78 -6.40
CA ASN B 329 -18.29 3.12 -7.24
C ASN B 329 -17.79 3.41 -8.66
N PRO B 330 -17.34 2.37 -9.37
CA PRO B 330 -16.55 2.59 -10.60
C PRO B 330 -17.25 3.37 -11.68
N GLY B 331 -18.57 3.45 -11.68
CA GLY B 331 -19.22 4.45 -12.49
C GLY B 331 -18.61 5.81 -12.26
N GLY B 332 -18.27 6.11 -11.01
CA GLY B 332 -17.64 7.38 -10.69
C GLY B 332 -16.25 7.48 -11.27
N LYS B 333 -15.83 8.72 -11.51
CA LYS B 333 -14.53 9.01 -12.09
C LYS B 333 -14.24 10.49 -11.90
N GLU B 334 -12.96 10.84 -11.90
CA GLU B 334 -12.58 12.25 -11.91
C GLU B 334 -12.60 12.76 -13.34
N ARG B 335 -12.81 14.08 -13.49
CA ARG B 335 -13.11 14.68 -14.78
C ARG B 335 -12.25 15.92 -15.03
N THR B 336 -12.08 16.25 -16.31
CA THR B 336 -11.40 17.47 -16.71
C THR B 336 -12.37 18.65 -16.70
N THR B 337 -11.81 19.86 -16.86
CA THR B 337 -12.66 21.04 -16.98
C THR B 337 -13.61 20.92 -18.17
N THR B 338 -13.12 20.37 -19.28
CA THR B 338 -13.97 20.21 -20.45
C THR B 338 -15.12 19.25 -20.17
N GLU B 339 -14.86 18.20 -19.38
CA GLU B 339 -15.91 17.24 -19.07
C GLU B 339 -16.96 17.85 -18.15
N PHE B 340 -16.54 18.66 -17.17
CA PHE B 340 -17.50 19.32 -16.29
C PHE B 340 -18.38 20.31 -17.05
N ASP B 341 -17.78 21.08 -17.97
CA ASP B 341 -18.59 21.96 -18.81
C ASP B 341 -19.58 21.15 -19.64
N GLY B 342 -19.16 19.99 -20.14
CA GLY B 342 -20.07 19.14 -20.91
C GLY B 342 -21.24 18.63 -20.10
N LEU B 343 -20.99 18.25 -18.84
CA LEU B 343 -22.08 17.84 -17.96
C LEU B 343 -23.06 18.99 -17.72
N ALA B 344 -22.53 20.18 -17.43
CA ALA B 344 -23.38 21.32 -17.16
C ALA B 344 -24.27 21.66 -18.36
N LYS B 345 -23.69 21.66 -19.57
CA LYS B 345 -24.48 22.00 -20.75
C LYS B 345 -25.51 20.92 -21.05
N ALA B 346 -25.16 19.65 -20.86
CA ALA B 346 -26.11 18.57 -21.10
C ALA B 346 -27.28 18.59 -20.12
N ALA B 347 -27.11 19.24 -18.97
CA ALA B 347 -28.15 19.28 -17.94
C ALA B 347 -29.01 20.53 -18.01
N GLY B 348 -28.74 21.45 -18.95
CA GLY B 348 -29.57 22.62 -19.15
C GLY B 348 -28.96 23.92 -18.67
N PHE B 349 -27.75 23.90 -18.12
CA PHE B 349 -27.11 25.12 -17.63
C PHE B 349 -26.44 25.86 -18.79
N ALA B 350 -26.66 27.17 -18.84
CA ALA B 350 -26.22 27.96 -19.99
C ALA B 350 -24.76 28.35 -19.90
N GLU B 351 -24.30 28.72 -18.70
CA GLU B 351 -22.99 29.31 -18.50
C GLU B 351 -22.23 28.54 -17.44
N THR B 352 -20.93 28.35 -17.67
CA THR B 352 -20.03 27.72 -16.71
C THR B 352 -18.92 28.70 -16.39
N LYS B 353 -18.48 28.70 -15.13
CA LYS B 353 -17.36 29.53 -14.69
C LYS B 353 -16.45 28.69 -13.80
N PHE B 354 -15.15 28.74 -14.06
CA PHE B 354 -14.18 27.91 -13.37
C PHE B 354 -13.30 28.75 -12.47
N PHE B 355 -13.15 28.33 -11.22
CA PHE B 355 -12.37 29.05 -10.21
C PHE B 355 -11.35 28.09 -9.62
N PRO B 356 -10.12 28.07 -10.16
CA PRO B 356 -9.08 27.23 -9.54
C PRO B 356 -8.80 27.70 -8.12
N ILE B 357 -8.68 26.75 -7.20
CA ILE B 357 -8.49 27.07 -5.80
C ILE B 357 -7.04 26.77 -5.43
N SER B 358 -6.68 25.49 -5.46
CA SER B 358 -5.36 25.07 -5.06
C SER B 358 -5.08 23.64 -5.51
N GLN B 359 -3.98 23.48 -6.24
CA GLN B 359 -3.41 22.18 -6.58
C GLN B 359 -4.46 21.22 -7.16
N GLY B 360 -5.29 21.74 -8.04
CA GLY B 360 -6.29 20.95 -8.71
C GLY B 360 -7.69 21.08 -8.15
N LEU B 361 -7.83 21.52 -6.90
CA LEU B 361 -9.16 21.77 -6.38
C LEU B 361 -9.79 22.96 -7.09
N HIS B 362 -11.03 22.80 -7.54
CA HIS B 362 -11.75 23.85 -8.24
C HIS B 362 -13.10 24.07 -7.60
N VAL B 363 -13.56 25.32 -7.65
CA VAL B 363 -14.98 25.65 -7.53
C VAL B 363 -15.48 25.97 -8.92
N MET B 364 -16.61 25.40 -9.31
CA MET B 364 -17.22 25.67 -10.60
C MET B 364 -18.66 26.10 -10.39
N GLU B 365 -19.08 27.12 -11.12
CA GLU B 365 -20.45 27.63 -11.06
C GLU B 365 -21.18 27.23 -12.33
N PHE B 366 -22.31 26.53 -12.17
CA PHE B 366 -23.23 26.23 -13.27
C PHE B 366 -24.42 27.18 -13.12
N HIS B 367 -24.55 28.12 -14.04
CA HIS B 367 -25.55 29.18 -13.93
C HIS B 367 -26.79 28.84 -14.76
N LYS B 368 -27.95 28.86 -14.11
CA LYS B 368 -29.23 28.80 -14.82
C LYS B 368 -29.55 30.17 -15.39
N ALA B 369 -30.00 30.19 -16.64
CA ALA B 369 -30.13 31.43 -17.39
C ALA B 369 -31.09 32.40 -16.71
N THR B 370 -30.79 33.69 -16.87
CA THR B 370 -31.70 34.76 -16.45
C THR B 370 -32.23 35.50 -17.68
#